data_4L6H
#
_entry.id   4L6H
#
_cell.length_a   77.068
_cell.length_b   98.981
_cell.length_c   101.936
_cell.angle_alpha   90.00
_cell.angle_beta   90.00
_cell.angle_gamma   90.00
#
_symmetry.space_group_name_H-M   'P 21 21 21'
#
loop_
_entity.id
_entity.type
_entity.pdbx_description
1 polymer '5-methyltetrahydropteroyltriglutamate--homocysteine methyltransferase'
2 non-polymer 'ZINC ION'
3 non-polymer '2-AMINO-4-MERCAPTO-BUTYRIC ACID'
4 non-polymer METHOTREXATE
5 water water
#
_entity_poly.entity_id   1
_entity_poly.type   'polypeptide(L)'
_entity_poly.pdbx_seq_one_letter_code
;MHHHHHHSSGVDLGTENLYFQSMVQSSVLGFPRIGGQRELKKITEAYWSGKATVEELLAKGKELREHNWKLQQKAGVDII
PSNDFSYYDQVLDLSLLFNAIPERYTKFDLAPIDVLFAMGRGLQAAATATQAAVDVTALEMVKWFDSNYHYVRPTFSHST
EFKLNTAAGIKPVDEFNEAKALGVQTRPVILGPVSYLYLGKADKDSLDLEPISLLPKILPVYKELLQKLKEAGAEQVQID
EPVLVLDLPEAVQSKFKEAYDALVGADVPELILTTYFGDVRPNLKAIENLPVAGFHFDFVRVPEQLDEVASILKDGQTLS
AGVVDGRNIWKTDFAKASAVVQKAIEKVGKDKVVVATSSSLLHTPVDLESETKLDAVIKDWFSFATQKLDEVVVIAKNVS
GEDVSKQLEANAASIKARSESSITNDPKVQERLTTINEALATRKAAFPERLTEQKAKYNLPLFPTTTIGSFPQTKDIRIN
RNKFAKGQITAEEYEAFINKEIETVVRFQEEIGLDVLVHGEPERNDMVQYFGEQLNGFAFTTNGWVQSYGSRYVRPPIIV
GDVSRPKAMTVKESVYAQSITSKPMKGMLTGPVTILRWSFPRDDVSGKIQALQLGLALRDEVNDLEGAGITVIQVDEPAI
REGLPLRAGKERSDYLNWAAQSFRVATSGVENSTQIHSHFCYSDLDPNHIKALDADVVSIEFSKKDDPNYIQEFSEYPNH
IGLGLFDIHSPRIPSKQEFVSRIEEILKVYPASKFWVNPDCGLKTRGWPEVKESLTNMVEAAKEFRAKY
;
_entity_poly.pdbx_strand_id   A
#
# COMPACT_ATOMS: atom_id res chain seq x y z
N MET A 23 18.75 21.74 25.58
N MET A 23 19.16 22.63 25.05
CA MET A 23 19.07 20.45 24.96
CA MET A 23 19.15 21.17 24.66
C MET A 23 17.88 20.02 24.12
C MET A 23 17.84 20.64 24.02
N VAL A 24 17.98 20.14 22.79
CA VAL A 24 16.84 19.83 21.94
C VAL A 24 16.62 18.32 22.00
N GLN A 25 15.40 17.91 22.24
CA GLN A 25 15.10 16.48 22.33
C GLN A 25 14.86 15.81 20.98
N SER A 26 15.09 14.50 20.96
CA SER A 26 14.72 13.65 19.84
C SER A 26 13.48 12.82 20.14
N SER A 27 12.76 12.41 19.08
CA SER A 27 11.47 11.77 19.20
C SER A 27 11.26 10.80 18.06
N VAL A 28 10.64 9.68 18.38
CA VAL A 28 10.24 8.65 17.40
C VAL A 28 8.72 8.48 17.50
N LEU A 29 8.02 8.55 16.38
CA LEU A 29 6.55 8.49 16.42
C LEU A 29 5.90 7.09 16.52
N GLY A 30 6.72 6.10 16.26
CA GLY A 30 6.36 4.72 16.27
C GLY A 30 7.50 3.85 15.67
N PHE A 31 7.50 2.60 16.09
CA PHE A 31 8.57 1.67 15.71
C PHE A 31 7.90 0.45 15.06
N PRO A 32 8.48 -0.07 13.96
CA PRO A 32 7.89 -1.30 13.40
C PRO A 32 7.90 -2.40 14.42
N ARG A 33 6.86 -3.22 14.45
CA ARG A 33 6.64 -4.21 15.48
C ARG A 33 6.84 -5.65 15.00
N ILE A 34 7.13 -5.81 13.71
CA ILE A 34 7.14 -7.13 13.13
C ILE A 34 8.26 -8.04 13.66
N GLY A 35 9.36 -7.43 14.13
CA GLY A 35 10.52 -8.15 14.60
C GLY A 35 11.59 -8.24 13.54
N GLY A 36 12.84 -8.19 13.94
CA GLY A 36 13.88 -8.21 12.99
C GLY A 36 14.01 -9.53 12.25
N GLN A 37 13.41 -10.55 12.82
CA GLN A 37 13.34 -11.88 12.21
C GLN A 37 11.89 -12.28 11.86
N ARG A 38 11.00 -11.30 11.67
CA ARG A 38 9.60 -11.54 11.45
C ARG A 38 8.93 -12.39 12.58
N GLU A 39 9.43 -12.21 13.81
CA GLU A 39 8.93 -12.99 14.95
C GLU A 39 7.42 -12.79 15.11
N LEU A 40 6.89 -11.61 14.77
CA LEU A 40 5.52 -11.30 15.09
C LEU A 40 4.59 -12.06 14.12
N LYS A 41 5.02 -12.15 12.86
CA LYS A 41 4.35 -12.99 11.85
C LYS A 41 4.30 -14.45 12.32
N LYS A 42 5.46 -14.96 12.73
N LYS A 42 5.47 -14.95 12.67
CA LYS A 42 5.58 -16.39 13.08
CA LYS A 42 5.61 -16.35 13.03
C LYS A 42 4.73 -16.78 14.28
C LYS A 42 4.63 -16.69 14.17
N ILE A 43 4.66 -15.92 15.28
CA ILE A 43 3.82 -16.24 16.47
C ILE A 43 2.33 -16.04 16.24
N THR A 44 1.94 -14.95 15.56
CA THR A 44 0.53 -14.70 15.26
C THR A 44 -0.03 -15.83 14.37
N GLU A 45 0.72 -16.21 13.35
CA GLU A 45 0.26 -17.28 12.43
C GLU A 45 0.23 -18.61 13.18
N ALA A 46 1.17 -18.84 14.09
CA ALA A 46 1.16 -20.10 14.88
C ALA A 46 -0.08 -20.06 15.78
N TYR A 47 -0.36 -18.90 16.40
CA TYR A 47 -1.56 -18.80 17.24
C TYR A 47 -2.85 -19.06 16.42
N TRP A 48 -2.95 -18.48 15.22
CA TRP A 48 -4.16 -18.68 14.44
C TRP A 48 -4.31 -20.13 13.96
N SER A 49 -3.19 -20.78 13.68
CA SER A 49 -3.21 -22.18 13.18
C SER A 49 -3.33 -23.23 14.33
N GLY A 50 -3.40 -22.78 15.58
CA GLY A 50 -3.49 -23.65 16.72
C GLY A 50 -2.19 -24.19 17.28
N LYS A 51 -1.06 -23.78 16.70
CA LYS A 51 0.26 -24.25 17.07
C LYS A 51 0.83 -23.55 18.28
N ALA A 52 0.32 -22.36 18.63
CA ALA A 52 0.73 -21.61 19.83
C ALA A 52 -0.42 -21.25 20.70
N THR A 53 -0.18 -21.12 21.99
CA THR A 53 -1.23 -20.73 22.89
C THR A 53 -1.30 -19.21 22.99
N VAL A 54 -2.41 -18.70 23.50
CA VAL A 54 -2.53 -17.28 23.81
C VAL A 54 -1.44 -16.81 24.76
N GLU A 55 -1.06 -17.64 25.73
CA GLU A 55 0.03 -17.27 26.62
C GLU A 55 1.34 -17.07 25.84
N GLU A 56 1.63 -17.97 24.91
CA GLU A 56 2.86 -17.89 24.13
C GLU A 56 2.84 -16.65 23.21
N LEU A 57 1.68 -16.35 22.63
CA LEU A 57 1.46 -15.13 21.85
C LEU A 57 1.79 -13.89 22.69
N LEU A 58 1.12 -13.78 23.82
CA LEU A 58 1.31 -12.61 24.67
C LEU A 58 2.71 -12.53 25.15
N ALA A 59 3.38 -13.65 25.42
CA ALA A 59 4.79 -13.52 25.89
C ALA A 59 5.74 -12.98 24.79
N LYS A 60 5.47 -13.40 23.55
CA LYS A 60 6.28 -12.96 22.43
C LYS A 60 6.05 -11.47 22.17
N GLY A 61 4.79 -11.06 22.28
CA GLY A 61 4.49 -9.62 22.13
C GLY A 61 5.24 -8.76 23.19
N LYS A 62 5.27 -9.26 24.41
CA LYS A 62 6.00 -8.56 25.49
C LYS A 62 7.49 -8.49 25.20
N GLU A 63 8.09 -9.58 24.68
CA GLU A 63 9.48 -9.61 24.37
C GLU A 63 9.85 -8.63 23.27
N LEU A 64 8.99 -8.56 22.26
CA LEU A 64 9.20 -7.59 21.16
C LEU A 64 9.12 -6.15 21.67
N ARG A 65 8.14 -5.84 22.48
CA ARG A 65 8.00 -4.45 22.98
C ARG A 65 9.19 -4.12 23.80
N GLU A 66 9.60 -4.99 24.73
CA GLU A 66 10.82 -4.71 25.52
C GLU A 66 12.09 -4.50 24.66
N HIS A 67 12.27 -5.37 23.68
CA HIS A 67 13.41 -5.27 22.81
C HIS A 67 13.42 -3.93 22.07
N ASN A 68 12.26 -3.51 21.60
CA ASN A 68 12.18 -2.26 20.83
C ASN A 68 12.31 -1.02 21.68
N TRP A 69 11.72 -1.04 22.89
CA TRP A 69 11.96 0.10 23.84
C TRP A 69 13.40 0.21 24.24
N LYS A 70 14.03 -0.93 24.54
CA LYS A 70 15.45 -0.90 24.88
C LYS A 70 16.35 -0.42 23.75
N LEU A 71 16.05 -0.75 22.53
CA LEU A 71 16.79 -0.30 21.37
C LEU A 71 16.77 1.21 21.32
N GLN A 72 15.60 1.74 21.50
CA GLN A 72 15.38 3.17 21.45
C GLN A 72 16.05 3.90 22.62
N GLN A 73 15.92 3.34 23.80
CA GLN A 73 16.60 3.88 24.97
C GLN A 73 18.12 3.88 24.74
N LYS A 74 18.67 2.73 24.27
CA LYS A 74 20.12 2.62 24.01
C LYS A 74 20.63 3.59 22.97
N ALA A 75 19.81 3.85 21.95
CA ALA A 75 20.17 4.87 20.96
C ALA A 75 20.19 6.28 21.48
N GLY A 76 19.51 6.51 22.60
CA GLY A 76 19.48 7.84 23.17
C GLY A 76 18.25 8.69 22.81
N VAL A 77 17.24 8.05 22.26
CA VAL A 77 16.01 8.77 21.85
C VAL A 77 15.32 9.28 23.13
N ASP A 78 14.97 10.56 23.17
CA ASP A 78 14.30 11.11 24.38
C ASP A 78 12.82 10.73 24.54
N ILE A 79 12.07 10.85 23.47
CA ILE A 79 10.60 10.68 23.45
C ILE A 79 10.33 9.35 22.72
N ILE A 80 10.08 8.32 23.50
CA ILE A 80 9.95 6.92 23.01
C ILE A 80 8.48 6.50 23.01
N PRO A 81 7.94 5.96 21.90
CA PRO A 81 6.51 5.67 21.90
C PRO A 81 6.10 4.39 22.59
N SER A 82 4.88 4.37 23.09
CA SER A 82 4.23 3.17 23.49
C SER A 82 2.82 3.17 22.87
N ASN A 83 2.18 2.00 22.86
CA ASN A 83 0.94 1.77 22.16
C ASN A 83 1.04 1.69 20.65
N ASP A 84 2.26 1.79 20.14
CA ASP A 84 2.51 1.69 18.69
C ASP A 84 2.64 0.20 18.27
N PHE A 85 2.82 -0.66 19.27
CA PHE A 85 2.79 -2.13 19.05
C PHE A 85 1.39 -2.52 18.64
N SER A 86 1.25 -3.60 17.85
CA SER A 86 -0.09 -4.22 17.69
C SER A 86 0.13 -5.64 17.20
N TYR A 87 -0.81 -6.53 17.52
CA TYR A 87 -0.91 -7.82 16.93
C TYR A 87 -1.51 -7.86 15.53
N TYR A 88 -2.15 -6.79 15.04
CA TYR A 88 -2.74 -6.81 13.75
C TYR A 88 -2.78 -5.41 13.17
N ASP A 89 -3.48 -4.50 13.87
CA ASP A 89 -3.54 -3.11 13.38
C ASP A 89 -3.86 -2.22 14.57
N GLN A 90 -3.13 -1.12 14.71
CA GLN A 90 -3.43 -0.16 15.75
C GLN A 90 -4.82 0.50 15.71
N VAL A 91 -5.37 0.74 14.52
CA VAL A 91 -6.72 1.31 14.40
C VAL A 91 -7.75 0.31 14.96
N LEU A 92 -7.68 -0.96 14.58
CA LEU A 92 -8.55 -1.99 15.16
C LEU A 92 -8.33 -2.08 16.68
N ASP A 93 -7.10 -1.94 17.17
CA ASP A 93 -6.88 -1.95 18.60
C ASP A 93 -7.73 -0.89 19.28
N LEU A 94 -7.83 0.32 18.70
CA LEU A 94 -8.70 1.37 19.27
C LEU A 94 -10.21 1.05 19.23
N SER A 95 -10.63 0.47 18.12
CA SER A 95 -12.01 -0.06 18.00
C SER A 95 -12.36 -1.04 19.12
N LEU A 96 -11.47 -1.97 19.42
CA LEU A 96 -11.70 -2.92 20.52
C LEU A 96 -11.77 -2.17 21.87
N LEU A 97 -10.88 -1.20 22.00
CA LEU A 97 -10.72 -0.48 23.24
C LEU A 97 -11.92 0.40 23.55
N PHE A 98 -12.53 1.00 22.52
CA PHE A 98 -13.67 1.88 22.72
C PHE A 98 -15.02 1.19 22.44
N ASN A 99 -14.99 -0.10 22.22
CA ASN A 99 -16.23 -0.88 22.02
C ASN A 99 -16.92 -0.65 20.73
N ALA A 100 -16.16 -0.23 19.72
CA ALA A 100 -16.78 -0.13 18.42
C ALA A 100 -16.71 -1.49 17.77
N ILE A 101 -17.51 -2.45 18.25
CA ILE A 101 -17.37 -3.85 17.86
C ILE A 101 -18.75 -4.21 17.32
N PRO A 102 -18.86 -4.51 16.01
CA PRO A 102 -20.20 -4.88 15.51
C PRO A 102 -20.75 -6.09 16.25
N GLU A 103 -22.05 -6.07 16.60
CA GLU A 103 -22.70 -7.16 17.35
C GLU A 103 -22.41 -8.56 16.80
N ARG A 104 -22.36 -8.72 15.48
CA ARG A 104 -22.14 -10.05 14.87
C ARG A 104 -20.88 -10.77 15.39
N TYR A 105 -19.85 -10.01 15.73
CA TYR A 105 -18.63 -10.60 16.29
C TYR A 105 -18.73 -11.12 17.75
N THR A 106 -19.77 -10.74 18.45
CA THR A 106 -19.87 -10.95 19.88
C THR A 106 -20.69 -12.21 20.24
N LYS A 107 -21.04 -13.00 19.24
CA LYS A 107 -22.05 -14.08 19.39
C LYS A 107 -21.36 -15.45 19.47
N PHE A 108 -20.03 -15.48 19.59
CA PHE A 108 -19.29 -16.74 19.52
C PHE A 108 -18.47 -17.09 20.75
N ASP A 109 -18.79 -16.48 21.89
CA ASP A 109 -18.09 -16.70 23.19
C ASP A 109 -16.58 -16.57 22.97
N LEU A 110 -16.20 -15.65 22.10
CA LEU A 110 -14.75 -15.41 21.86
C LEU A 110 -14.25 -14.45 22.95
N ALA A 111 -13.04 -14.69 23.44
CA ALA A 111 -12.37 -13.73 24.34
C ALA A 111 -11.97 -12.44 23.53
N PRO A 112 -11.72 -11.33 24.22
CA PRO A 112 -11.46 -10.08 23.50
C PRO A 112 -10.37 -10.15 22.43
N ILE A 113 -9.24 -10.82 22.70
CA ILE A 113 -8.21 -10.95 21.66
C ILE A 113 -8.76 -11.68 20.44
N ASP A 114 -9.67 -12.63 20.67
CA ASP A 114 -10.22 -13.40 19.55
C ASP A 114 -11.36 -12.65 18.82
N VAL A 115 -12.04 -11.78 19.49
CA VAL A 115 -12.95 -10.83 18.84
C VAL A 115 -12.12 -9.91 17.96
N LEU A 116 -11.05 -9.39 18.54
CA LEU A 116 -10.05 -8.60 17.71
C LEU A 116 -9.64 -9.29 16.45
N PHE A 117 -9.20 -10.55 16.55
CA PHE A 117 -8.72 -11.25 15.38
C PHE A 117 -9.89 -11.57 14.41
N ALA A 118 -11.08 -11.83 14.95
CA ALA A 118 -12.27 -12.03 14.14
C ALA A 118 -12.61 -10.81 13.29
N MET A 119 -12.52 -9.63 13.90
CA MET A 119 -12.79 -8.41 13.18
C MET A 119 -11.78 -8.19 12.05
N GLY A 120 -10.54 -8.53 12.32
CA GLY A 120 -9.50 -8.33 11.37
C GLY A 120 -9.41 -9.31 10.27
N ARG A 121 -9.67 -10.58 10.56
CA ARG A 121 -9.46 -11.67 9.57
C ARG A 121 -10.61 -12.65 9.36
N GLY A 122 -11.72 -12.40 10.03
CA GLY A 122 -12.96 -13.14 9.82
C GLY A 122 -13.01 -14.30 10.74
N LEU A 123 -14.07 -15.09 10.64
CA LEU A 123 -14.23 -16.24 11.53
C LEU A 123 -15.00 -17.31 10.81
N GLN A 124 -14.54 -18.54 10.83
CA GLN A 124 -15.36 -19.64 10.31
C GLN A 124 -15.64 -20.71 11.38
N ALA A 125 -16.92 -21.05 11.58
CA ALA A 125 -17.34 -22.08 12.56
C ALA A 125 -18.20 -23.18 11.92
N ALA A 126 -18.09 -24.42 12.40
CA ALA A 126 -18.82 -25.56 11.82
C ALA A 126 -20.35 -25.35 11.81
N ALA A 127 -21.00 -26.06 10.90
CA ALA A 127 -22.47 -26.14 10.89
C ALA A 127 -22.91 -27.00 12.08
N THR A 128 -24.05 -26.60 12.67
CA THR A 128 -24.70 -27.29 13.79
C THR A 128 -25.64 -28.44 13.30
N GLN A 131 -27.75 -24.70 12.81
CA GLN A 131 -27.29 -23.58 11.96
C GLN A 131 -26.38 -24.07 10.85
N ALA A 132 -26.44 -23.38 9.70
CA ALA A 132 -25.49 -23.59 8.63
C ALA A 132 -24.11 -23.06 9.07
N ALA A 133 -23.05 -23.53 8.44
CA ALA A 133 -21.69 -23.17 8.87
C ALA A 133 -21.54 -21.64 8.98
N VAL A 134 -20.77 -21.20 9.99
CA VAL A 134 -20.45 -19.78 10.19
C VAL A 134 -19.35 -19.40 9.19
N ASP A 135 -19.50 -18.24 8.54
CA ASP A 135 -18.40 -17.54 7.86
C ASP A 135 -18.68 -16.07 8.07
N VAL A 136 -18.13 -15.52 9.16
CA VAL A 136 -18.25 -14.10 9.42
C VAL A 136 -17.08 -13.40 8.73
N THR A 137 -17.40 -12.49 7.80
CA THR A 137 -16.40 -11.78 7.05
C THR A 137 -15.74 -10.72 7.94
N ALA A 138 -14.45 -10.55 7.70
CA ALA A 138 -13.66 -9.49 8.35
C ALA A 138 -14.20 -8.15 7.96
N LEU A 139 -13.88 -7.20 8.81
CA LEU A 139 -14.12 -5.82 8.51
C LEU A 139 -13.24 -5.39 7.33
N GLU A 140 -13.58 -4.30 6.66
CA GLU A 140 -12.89 -3.82 5.45
C GLU A 140 -11.49 -3.34 5.79
N MET A 141 -10.51 -3.77 5.00
CA MET A 141 -9.14 -3.21 5.09
C MET A 141 -9.04 -2.05 4.13
N VAL A 142 -8.42 -0.96 4.58
CA VAL A 142 -8.39 0.27 3.85
C VAL A 142 -6.94 0.74 3.79
N LYS A 143 -6.51 1.34 2.66
CA LYS A 143 -5.15 1.95 2.62
C LYS A 143 -5.05 3.15 3.58
N TRP A 144 -3.95 3.19 4.31
CA TRP A 144 -3.65 4.26 5.27
C TRP A 144 -2.95 5.37 4.48
N PHE A 145 -3.76 6.37 4.15
CA PHE A 145 -3.31 7.47 3.37
C PHE A 145 -2.66 6.98 2.12
N ASP A 146 -1.54 7.55 1.75
CA ASP A 146 -0.79 7.13 0.57
C ASP A 146 0.41 6.25 1.01
N SER A 147 0.37 5.72 2.25
CA SER A 147 1.38 4.75 2.70
C SER A 147 1.07 3.39 2.10
N ASN A 148 1.96 2.42 2.32
CA ASN A 148 1.66 1.08 1.81
C ASN A 148 1.15 0.12 2.96
N TYR A 149 0.72 0.73 4.06
CA TYR A 149 0.04 0.12 5.17
C TYR A 149 -1.45 0.13 4.97
N HIS A 150 -2.10 -0.87 5.55
CA HIS A 150 -3.57 -0.94 5.58
C HIS A 150 -4.12 -1.06 6.99
N TYR A 151 -5.19 -0.32 7.27
CA TYR A 151 -5.83 -0.37 8.55
C TYR A 151 -7.17 -1.03 8.39
N VAL A 152 -7.72 -1.43 9.54
CA VAL A 152 -9.08 -2.02 9.57
C VAL A 152 -10.09 -0.89 9.88
N ARG A 153 -11.02 -0.69 8.97
CA ARG A 153 -11.97 0.38 9.03
C ARG A 153 -12.79 0.40 10.31
N PRO A 154 -12.77 1.51 11.06
CA PRO A 154 -13.71 1.59 12.18
C PRO A 154 -15.15 1.64 11.60
N THR A 155 -16.00 0.88 12.25
CA THR A 155 -17.28 0.59 11.71
C THR A 155 -18.28 0.85 12.81
N PHE A 156 -19.29 1.71 12.54
CA PHE A 156 -20.21 2.20 13.59
C PHE A 156 -21.69 2.02 13.21
N SER A 157 -22.50 1.83 14.24
CA SER A 157 -23.98 1.74 14.11
C SER A 157 -24.60 2.84 14.91
N HIS A 158 -25.89 3.13 14.66
CA HIS A 158 -26.64 3.97 15.58
C HIS A 158 -26.60 3.55 17.04
N SER A 159 -26.59 2.24 17.28
CA SER A 159 -26.60 1.65 18.61
C SER A 159 -25.24 1.53 19.25
N THR A 160 -24.20 1.81 18.46
CA THR A 160 -22.88 1.65 18.99
C THR A 160 -22.81 2.41 20.31
N GLU A 161 -22.34 1.72 21.34
CA GLU A 161 -22.22 2.28 22.66
C GLU A 161 -20.72 2.36 22.95
N PHE A 162 -20.11 3.52 22.77
CA PHE A 162 -18.67 3.58 23.04
C PHE A 162 -18.44 3.57 24.55
N LYS A 163 -17.50 2.77 24.98
CA LYS A 163 -17.03 2.73 26.39
C LYS A 163 -15.71 2.02 26.47
N LEU A 164 -14.95 2.18 27.55
CA LEU A 164 -13.72 1.40 27.77
C LEU A 164 -13.97 0.00 28.12
N ASN A 165 -13.32 -0.88 27.40
CA ASN A 165 -13.45 -2.32 27.64
C ASN A 165 -12.52 -2.86 28.77
N THR A 166 -12.82 -2.47 30.00
CA THR A 166 -11.93 -2.70 31.18
C THR A 166 -11.45 -4.14 31.40
N ALA A 167 -12.31 -5.10 31.10
CA ALA A 167 -12.00 -6.52 31.27
C ALA A 167 -11.01 -7.04 30.24
N ALA A 168 -10.98 -6.42 29.06
CA ALA A 168 -10.02 -6.78 28.01
C ALA A 168 -8.58 -6.33 28.31
N GLY A 169 -8.33 -5.70 29.47
CA GLY A 169 -7.09 -4.95 29.70
C GLY A 169 -7.21 -3.65 28.93
N ILE A 170 -6.55 -2.59 29.39
CA ILE A 170 -6.57 -1.31 28.66
C ILE A 170 -5.19 -1.20 28.04
N LYS A 171 -5.08 -1.52 26.74
CA LYS A 171 -3.79 -1.69 26.08
C LYS A 171 -2.80 -0.52 26.31
N PRO A 172 -3.23 0.73 26.08
CA PRO A 172 -2.24 1.80 26.23
C PRO A 172 -1.68 1.99 27.66
N VAL A 173 -2.54 1.77 28.65
CA VAL A 173 -2.13 1.83 30.05
C VAL A 173 -1.20 0.67 30.39
N ASP A 174 -1.61 -0.53 30.04
CA ASP A 174 -0.82 -1.71 30.32
C ASP A 174 0.58 -1.65 29.67
N GLU A 175 0.65 -1.20 28.40
CA GLU A 175 1.94 -1.12 27.69
C GLU A 175 2.77 0.02 28.25
N PHE A 176 2.13 1.13 28.61
CA PHE A 176 2.85 2.22 29.26
C PHE A 176 3.53 1.69 30.56
N ASN A 177 2.73 0.94 31.32
CA ASN A 177 3.22 0.46 32.63
C ASN A 177 4.31 -0.58 32.51
N GLU A 178 4.19 -1.42 31.49
CA GLU A 178 5.19 -2.40 31.09
C GLU A 178 6.56 -1.76 30.79
N ALA A 179 6.52 -0.69 29.97
CA ALA A 179 7.68 0.10 29.68
C ALA A 179 8.26 0.72 30.93
N LYS A 180 7.39 1.34 31.77
CA LYS A 180 7.85 2.04 32.98
C LYS A 180 8.56 1.06 33.92
N ALA A 181 8.05 -0.14 33.99
CA ALA A 181 8.73 -1.17 34.83
C ALA A 181 10.08 -1.62 34.33
N LEU A 182 10.40 -1.39 33.05
CA LEU A 182 11.77 -1.59 32.49
C LEU A 182 12.65 -0.41 32.64
N GLY A 183 12.13 0.66 33.22
CA GLY A 183 12.87 1.89 33.45
C GLY A 183 12.80 2.75 32.21
N VAL A 184 11.80 2.55 31.36
CA VAL A 184 11.67 3.35 30.13
C VAL A 184 10.40 4.14 30.15
N GLN A 185 10.49 5.45 30.32
CA GLN A 185 9.32 6.30 30.29
C GLN A 185 8.97 6.50 28.80
N THR A 186 7.72 6.32 28.47
CA THR A 186 7.26 6.46 27.05
C THR A 186 6.17 7.49 26.94
N ARG A 187 5.89 7.80 25.66
CA ARG A 187 4.79 8.65 25.25
C ARG A 187 3.79 7.78 24.52
N PRO A 188 2.67 7.56 25.16
CA PRO A 188 1.60 6.82 24.46
C PRO A 188 1.13 7.52 23.21
N VAL A 189 0.87 6.69 22.21
CA VAL A 189 0.34 7.11 20.90
C VAL A 189 -1.08 6.58 20.71
N ILE A 190 -2.01 7.51 20.54
CA ILE A 190 -3.38 7.17 20.11
C ILE A 190 -3.83 8.00 18.92
N LEU A 191 -4.65 7.41 18.05
CA LEU A 191 -5.29 8.13 16.97
C LEU A 191 -6.35 8.98 17.64
N GLY A 192 -6.38 10.25 17.33
CA GLY A 192 -7.31 11.19 17.90
C GLY A 192 -8.72 10.99 17.43
N PRO A 193 -9.67 11.62 18.16
CA PRO A 193 -11.12 11.36 17.94
C PRO A 193 -11.66 11.83 16.58
N VAL A 194 -11.16 12.93 16.07
CA VAL A 194 -11.65 13.42 14.82
C VAL A 194 -11.23 12.45 13.67
N SER A 195 -9.95 12.13 13.62
CA SER A 195 -9.44 11.21 12.62
C SER A 195 -10.07 9.82 12.73
N TYR A 196 -10.16 9.33 13.94
CA TYR A 196 -10.69 7.97 14.16
C TYR A 196 -12.15 7.88 13.59
N LEU A 197 -12.97 8.86 13.87
CA LEU A 197 -14.37 8.84 13.38
C LEU A 197 -14.39 9.05 11.87
N TYR A 198 -13.66 10.05 11.42
CA TYR A 198 -13.70 10.49 10.07
C TYR A 198 -13.19 9.41 9.12
N LEU A 199 -12.25 8.58 9.58
CA LEU A 199 -11.71 7.47 8.78
C LEU A 199 -12.57 6.21 8.82
N GLY A 200 -13.63 6.28 9.61
CA GLY A 200 -14.51 5.11 9.79
C GLY A 200 -15.66 5.21 8.87
N LYS A 201 -16.61 4.30 9.03
CA LYS A 201 -17.84 4.32 8.19
C LYS A 201 -19.00 3.72 8.94
N ALA A 202 -20.20 4.00 8.42
CA ALA A 202 -21.40 3.44 8.97
C ALA A 202 -21.52 1.99 8.58
N ASP A 203 -21.86 1.14 9.54
CA ASP A 203 -22.15 -0.28 9.26
C ASP A 203 -23.43 -0.41 8.40
N LYS A 204 -23.60 -1.58 7.77
CA LYS A 204 -24.73 -1.84 6.84
C LYS A 204 -26.11 -1.61 7.44
N ASP A 205 -26.26 -1.72 8.76
CA ASP A 205 -27.59 -1.45 9.38
C ASP A 205 -27.87 0.02 9.71
N SER A 206 -26.93 0.91 9.33
CA SER A 206 -27.03 2.32 9.70
C SER A 206 -26.53 3.24 8.59
N LEU A 207 -26.94 2.97 7.36
CA LEU A 207 -26.38 3.69 6.19
C LEU A 207 -26.57 5.20 6.20
N ASP A 208 -27.50 5.73 6.96
CA ASP A 208 -27.66 7.19 7.07
C ASP A 208 -26.79 7.85 8.15
N LEU A 209 -25.98 7.04 8.85
CA LEU A 209 -25.11 7.57 9.92
C LEU A 209 -23.85 8.26 9.39
N GLU A 210 -23.62 9.51 9.77
CA GLU A 210 -22.34 10.18 9.48
C GLU A 210 -21.41 9.97 10.67
N PRO A 211 -20.28 9.26 10.48
CA PRO A 211 -19.42 8.94 11.64
C PRO A 211 -19.06 10.11 12.52
N ILE A 212 -18.77 11.27 11.95
CA ILE A 212 -18.29 12.44 12.74
C ILE A 212 -19.39 12.91 13.74
N SER A 213 -20.65 12.63 13.43
CA SER A 213 -21.80 12.95 14.31
C SER A 213 -21.70 12.34 15.70
N LEU A 214 -20.89 11.27 15.81
CA LEU A 214 -20.68 10.51 17.05
C LEU A 214 -19.64 11.15 17.95
N LEU A 215 -19.06 12.27 17.54
CA LEU A 215 -18.02 12.94 18.34
C LEU A 215 -18.41 13.15 19.80
N PRO A 216 -19.65 13.61 20.12
CA PRO A 216 -19.96 13.79 21.55
C PRO A 216 -20.07 12.50 22.37
N LYS A 217 -20.39 11.40 21.73
CA LYS A 217 -20.39 10.09 22.34
C LYS A 217 -19.00 9.53 22.61
N ILE A 218 -18.03 9.78 21.71
CA ILE A 218 -16.71 9.19 21.91
C ILE A 218 -15.82 10.05 22.80
N LEU A 219 -16.01 11.38 22.83
CA LEU A 219 -15.11 12.24 23.60
C LEU A 219 -14.93 11.79 25.06
N PRO A 220 -16.05 11.43 25.75
CA PRO A 220 -15.87 10.99 27.14
C PRO A 220 -15.05 9.80 27.34
N VAL A 221 -15.01 8.94 26.33
CA VAL A 221 -14.23 7.71 26.37
C VAL A 221 -12.76 8.04 26.22
N TYR A 222 -12.42 8.96 25.31
CA TYR A 222 -11.02 9.46 25.18
C TYR A 222 -10.60 10.14 26.51
N LYS A 223 -11.53 10.86 27.12
CA LYS A 223 -11.18 11.57 28.34
C LYS A 223 -10.93 10.57 29.40
N GLU A 224 -11.73 9.53 29.49
CA GLU A 224 -11.44 8.52 30.57
C GLU A 224 -10.09 7.83 30.33
N LEU A 225 -9.85 7.42 29.10
CA LEU A 225 -8.57 6.83 28.72
C LEU A 225 -7.40 7.71 29.15
N LEU A 226 -7.51 8.99 28.82
CA LEU A 226 -6.43 9.94 29.07
C LEU A 226 -6.26 10.14 30.57
N GLN A 227 -7.40 10.17 31.30
CA GLN A 227 -7.25 10.23 32.74
C GLN A 227 -6.45 9.04 33.30
N LYS A 228 -6.71 7.86 32.77
CA LYS A 228 -6.14 6.64 33.28
C LYS A 228 -4.65 6.64 32.96
N LEU A 229 -4.32 7.16 31.78
CA LEU A 229 -2.91 7.29 31.38
C LEU A 229 -2.15 8.22 32.32
N LYS A 230 -2.75 9.37 32.65
CA LYS A 230 -2.14 10.35 33.53
C LYS A 230 -1.97 9.66 34.90
N GLU A 231 -2.99 8.95 35.35
CA GLU A 231 -2.94 8.27 36.68
C GLU A 231 -1.81 7.23 36.69
N ALA A 232 -1.55 6.57 35.56
CA ALA A 232 -0.44 5.61 35.43
C ALA A 232 0.97 6.24 35.48
N GLY A 233 1.06 7.54 35.21
CA GLY A 233 2.29 8.30 35.18
C GLY A 233 2.68 8.87 33.80
N ALA A 234 1.79 8.83 32.80
CA ALA A 234 2.11 9.38 31.49
C ALA A 234 1.96 10.90 31.55
N GLU A 235 3.00 11.65 31.21
CA GLU A 235 2.87 13.12 31.24
C GLU A 235 2.60 13.72 29.91
N GLN A 236 2.93 12.97 28.84
CA GLN A 236 2.63 13.42 27.46
C GLN A 236 2.07 12.27 26.67
N VAL A 237 1.13 12.63 25.77
CA VAL A 237 0.52 11.73 24.84
C VAL A 237 0.62 12.30 23.42
N GLN A 238 1.07 11.44 22.49
CA GLN A 238 1.07 11.74 21.05
C GLN A 238 -0.34 11.37 20.51
N ILE A 239 -1.14 12.37 20.14
CA ILE A 239 -2.50 12.21 19.68
C ILE A 239 -2.55 12.52 18.15
N ASP A 240 -2.68 11.50 17.36
CA ASP A 240 -2.47 11.59 15.89
C ASP A 240 -3.79 12.12 15.30
N GLU A 241 -3.68 13.16 14.50
CA GLU A 241 -4.79 13.70 13.74
C GLU A 241 -4.37 13.91 12.27
N PRO A 242 -4.01 12.80 11.61
CA PRO A 242 -3.52 12.92 10.25
C PRO A 242 -4.58 13.36 9.22
N VAL A 243 -5.85 13.35 9.58
CA VAL A 243 -6.86 13.89 8.61
C VAL A 243 -6.75 15.37 8.34
N LEU A 244 -5.91 16.07 9.15
CA LEU A 244 -5.56 17.43 8.90
C LEU A 244 -4.76 17.67 7.58
N VAL A 245 -4.23 16.60 6.98
CA VAL A 245 -3.53 16.73 5.71
C VAL A 245 -4.47 16.52 4.54
N LEU A 246 -5.70 16.15 4.83
CA LEU A 246 -6.75 16.00 3.76
C LEU A 246 -7.55 17.30 3.55
N ASP A 247 -8.24 17.34 2.41
CA ASP A 247 -9.26 18.35 2.20
C ASP A 247 -10.42 18.04 3.09
N LEU A 248 -10.70 18.94 4.03
CA LEU A 248 -11.68 18.73 5.05
C LEU A 248 -12.87 19.72 4.89
N PRO A 249 -14.07 19.22 4.96
CA PRO A 249 -15.16 20.18 4.97
C PRO A 249 -15.08 21.13 6.15
N GLU A 250 -15.62 22.35 5.96
CA GLU A 250 -15.61 23.32 7.04
C GLU A 250 -16.23 22.77 8.31
N ALA A 251 -17.31 21.98 8.21
CA ALA A 251 -18.00 21.48 9.39
C ALA A 251 -17.20 20.43 10.16
N VAL A 252 -16.24 19.82 9.46
CA VAL A 252 -15.30 18.92 10.11
C VAL A 252 -14.17 19.70 10.74
N GLN A 253 -13.70 20.74 10.07
CA GLN A 253 -12.65 21.57 10.64
C GLN A 253 -13.00 22.13 12.04
N SER A 254 -14.27 22.50 12.27
CA SER A 254 -14.63 23.09 13.55
C SER A 254 -14.56 22.11 14.73
N LYS A 255 -14.46 20.84 14.38
CA LYS A 255 -14.52 19.78 15.39
C LYS A 255 -13.23 19.65 16.21
N PHE A 256 -12.11 20.13 15.68
CA PHE A 256 -10.88 20.04 16.44
C PHE A 256 -10.96 20.89 17.71
N LYS A 257 -11.49 22.09 17.61
CA LYS A 257 -11.63 22.97 18.75
C LYS A 257 -12.52 22.30 19.80
N GLU A 258 -13.66 21.81 19.33
CA GLU A 258 -14.65 21.14 20.16
C GLU A 258 -13.95 19.98 20.88
N ALA A 259 -13.29 19.10 20.13
CA ALA A 259 -12.69 17.89 20.66
C ALA A 259 -11.60 18.22 21.73
N TYR A 260 -10.70 19.10 21.40
CA TYR A 260 -9.55 19.31 22.23
C TYR A 260 -9.84 20.24 23.45
N ASP A 261 -10.79 21.16 23.31
CA ASP A 261 -11.27 21.89 24.48
C ASP A 261 -11.84 20.93 25.54
N ALA A 262 -12.55 19.88 25.09
CA ALA A 262 -13.12 18.84 25.97
C ALA A 262 -12.02 18.00 26.60
N LEU A 263 -10.98 17.64 25.84
CA LEU A 263 -10.00 16.72 26.34
C LEU A 263 -8.96 17.31 27.24
N VAL A 264 -8.43 18.46 26.89
CA VAL A 264 -7.31 19.06 27.66
C VAL A 264 -7.82 19.49 29.02
N GLY A 265 -7.03 19.20 30.05
CA GLY A 265 -7.32 19.64 31.39
C GLY A 265 -6.23 19.26 32.37
N ALA A 266 -6.48 19.50 33.66
CA ALA A 266 -5.47 19.19 34.70
C ALA A 266 -5.30 17.73 34.99
N ASP A 267 -6.30 16.99 34.58
CA ASP A 267 -6.42 15.57 34.93
C ASP A 267 -5.97 14.62 33.85
N VAL A 268 -5.37 15.16 32.77
CA VAL A 268 -4.91 14.32 31.65
C VAL A 268 -3.47 14.72 31.30
N PRO A 269 -2.78 13.89 30.51
CA PRO A 269 -1.47 14.25 30.04
C PRO A 269 -1.57 15.42 29.08
N GLU A 270 -0.46 16.08 28.89
CA GLU A 270 -0.22 17.02 27.77
C GLU A 270 -0.33 16.25 26.46
N LEU A 271 -0.95 16.92 25.51
CA LEU A 271 -1.23 16.37 24.20
C LEU A 271 -0.41 17.05 23.11
N ILE A 272 0.21 16.25 22.28
CA ILE A 272 0.96 16.69 21.11
C ILE A 272 0.19 16.22 19.90
N LEU A 273 -0.47 17.16 19.25
CA LEU A 273 -1.35 16.90 18.15
C LEU A 273 -0.48 16.70 16.90
N THR A 274 -0.60 15.49 16.30
CA THR A 274 0.44 15.01 15.44
C THR A 274 -0.11 14.73 14.04
N THR A 275 0.56 15.29 13.05
CA THR A 275 0.16 15.19 11.66
C THR A 275 1.32 14.70 10.78
N TYR A 276 1.02 14.00 9.67
CA TYR A 276 2.03 13.46 8.83
C TYR A 276 1.48 13.22 7.43
N PHE A 277 2.38 13.05 6.49
CA PHE A 277 2.12 12.67 5.10
C PHE A 277 1.68 13.85 4.22
N GLY A 278 1.55 15.08 4.73
CA GLY A 278 1.10 16.14 3.91
C GLY A 278 0.98 17.44 4.62
N ASP A 279 0.22 18.30 3.99
CA ASP A 279 0.25 19.76 4.22
C ASP A 279 -0.96 20.13 5.01
N VAL A 280 -0.77 20.73 6.20
CA VAL A 280 -1.89 21.12 7.01
C VAL A 280 -2.42 22.51 6.71
N ARG A 281 -1.70 23.27 5.91
CA ARG A 281 -2.02 24.68 5.84
C ARG A 281 -3.46 25.05 5.43
N PRO A 282 -4.10 24.33 4.50
CA PRO A 282 -5.50 24.62 4.23
C PRO A 282 -6.45 24.47 5.39
N ASN A 283 -6.04 23.70 6.41
CA ASN A 283 -6.78 23.53 7.65
C ASN A 283 -6.21 24.30 8.85
N LEU A 284 -5.33 25.29 8.60
CA LEU A 284 -4.61 25.93 9.75
C LEU A 284 -5.58 26.61 10.71
N LYS A 285 -6.63 27.22 10.18
CA LYS A 285 -7.60 27.88 11.09
C LYS A 285 -8.14 26.90 12.04
N ALA A 286 -8.29 25.62 11.65
CA ALA A 286 -8.80 24.62 12.59
C ALA A 286 -7.98 24.36 13.84
N ILE A 287 -6.69 24.56 13.76
CA ILE A 287 -5.82 24.25 14.85
C ILE A 287 -5.15 25.47 15.46
N GLU A 288 -5.52 26.65 15.02
CA GLU A 288 -4.85 27.86 15.53
C GLU A 288 -5.24 28.30 16.93
N ASN A 289 -6.30 27.75 17.49
CA ASN A 289 -6.69 28.19 18.85
C ASN A 289 -6.95 27.00 19.76
N LEU A 290 -6.09 26.00 19.71
CA LEU A 290 -6.28 24.81 20.49
C LEU A 290 -5.48 24.87 21.79
N PRO A 291 -6.01 24.17 22.83
CA PRO A 291 -5.34 24.15 24.13
C PRO A 291 -4.29 23.09 24.34
N VAL A 292 -3.92 22.39 23.25
CA VAL A 292 -2.91 21.34 23.29
C VAL A 292 -1.56 21.88 23.63
N ALA A 293 -0.63 20.99 24.01
CA ALA A 293 0.69 21.40 24.43
C ALA A 293 1.71 21.55 23.28
N GLY A 294 1.36 21.04 22.10
CA GLY A 294 2.26 21.15 20.97
C GLY A 294 1.71 20.41 19.75
N PHE A 295 2.47 20.50 18.66
CA PHE A 295 2.10 19.88 17.37
C PHE A 295 3.30 19.22 16.77
N HIS A 296 3.06 18.28 15.86
CA HIS A 296 4.10 17.66 15.07
C HIS A 296 3.68 17.81 13.62
N PHE A 297 4.62 18.20 12.78
CA PHE A 297 4.40 18.34 11.34
C PHE A 297 5.48 17.60 10.56
N ASP A 298 5.10 17.17 9.39
CA ASP A 298 5.93 16.35 8.52
C ASP A 298 6.66 17.31 7.58
N PHE A 299 7.94 17.56 7.87
CA PHE A 299 8.78 18.45 7.04
C PHE A 299 9.62 17.67 6.04
N VAL A 300 9.37 16.36 5.90
CA VAL A 300 9.98 15.61 4.84
C VAL A 300 9.12 15.69 3.58
N ARG A 301 7.87 15.46 3.74
CA ARG A 301 6.86 15.60 2.61
C ARG A 301 6.61 17.05 2.25
N VAL A 302 6.53 17.92 3.27
CA VAL A 302 6.17 19.31 3.10
C VAL A 302 7.01 20.23 4.01
N PRO A 303 8.30 20.38 3.70
CA PRO A 303 9.14 21.31 4.41
C PRO A 303 8.61 22.71 4.22
N GLU A 304 7.95 22.96 3.07
CA GLU A 304 7.55 24.37 2.84
C GLU A 304 6.46 24.88 3.75
N GLN A 305 5.80 24.03 4.54
CA GLN A 305 4.80 24.53 5.44
C GLN A 305 5.33 25.10 6.77
N LEU A 306 6.65 25.03 7.00
CA LEU A 306 7.25 25.37 8.27
C LEU A 306 6.85 26.75 8.75
N ASP A 307 7.12 27.75 7.91
CA ASP A 307 6.92 29.12 8.34
C ASP A 307 5.53 29.36 8.84
N GLU A 308 4.56 28.91 8.06
CA GLU A 308 3.20 29.16 8.40
C GLU A 308 2.71 28.38 9.62
N VAL A 309 3.08 27.10 9.77
CA VAL A 309 2.64 26.40 10.95
C VAL A 309 3.39 26.91 12.15
N ALA A 310 4.65 27.27 12.01
CA ALA A 310 5.38 27.86 13.16
C ALA A 310 4.64 29.11 13.67
N SER A 311 4.09 29.86 12.71
CA SER A 311 3.47 31.16 12.98
C SER A 311 2.28 31.12 13.85
N ILE A 312 1.56 30.01 13.89
CA ILE A 312 0.41 29.92 14.78
C ILE A 312 0.67 29.34 16.20
N LEU A 313 1.88 28.92 16.48
CA LEU A 313 2.14 28.32 17.78
C LEU A 313 1.91 29.35 18.91
N LYS A 314 1.17 28.95 19.91
CA LYS A 314 0.98 29.77 21.10
C LYS A 314 2.15 29.68 22.06
N ASP A 315 2.12 30.59 23.04
CA ASP A 315 3.12 30.67 24.08
C ASP A 315 3.22 29.29 24.72
N GLY A 316 4.43 28.78 24.81
CA GLY A 316 4.69 27.53 25.44
C GLY A 316 4.44 26.28 24.59
N GLN A 317 3.49 26.31 23.66
CA GLN A 317 3.37 25.12 22.71
C GLN A 317 4.67 24.82 22.07
N THR A 318 4.89 23.52 21.85
CA THR A 318 6.08 23.04 21.22
C THR A 318 5.84 22.55 19.79
N LEU A 319 6.93 22.51 19.03
CA LEU A 319 6.91 22.11 17.60
C LEU A 319 7.82 20.98 17.36
N SER A 320 7.25 19.82 17.03
CA SER A 320 8.02 18.64 16.66
C SER A 320 8.23 18.67 15.15
N ALA A 321 9.51 18.80 14.78
CA ALA A 321 9.94 18.92 13.40
C ALA A 321 10.28 17.57 12.79
N GLY A 322 9.38 17.06 11.93
CA GLY A 322 9.58 15.77 11.35
C GLY A 322 10.49 15.83 10.20
N VAL A 323 11.77 15.41 10.42
CA VAL A 323 12.84 15.61 9.44
C VAL A 323 13.60 14.32 9.07
N VAL A 324 13.31 13.22 9.74
CA VAL A 324 13.85 11.88 9.36
C VAL A 324 12.67 11.03 8.77
N ASP A 325 12.77 10.66 7.48
CA ASP A 325 11.65 10.10 6.72
C ASP A 325 11.21 8.77 7.31
N GLY A 326 9.96 8.63 7.64
CA GLY A 326 9.39 7.41 8.23
C GLY A 326 8.94 6.39 7.16
N ARG A 327 9.02 6.78 5.90
CA ARG A 327 8.45 6.00 4.80
C ARG A 327 9.45 5.57 3.74
N ASN A 328 10.71 5.88 3.91
CA ASN A 328 11.71 5.46 2.90
C ASN A 328 13.01 5.18 3.59
N ILE A 329 13.97 4.67 2.84
CA ILE A 329 15.14 3.98 3.37
C ILE A 329 16.49 4.69 3.14
N TRP A 330 16.46 5.91 2.70
CA TRP A 330 17.68 6.60 2.39
C TRP A 330 18.26 7.17 3.68
N LYS A 331 19.55 7.07 3.84
CA LYS A 331 20.28 7.84 4.86
C LYS A 331 19.95 9.33 4.78
N THR A 332 19.61 9.95 5.91
CA THR A 332 19.23 11.34 5.98
C THR A 332 20.48 12.17 5.78
N ASP A 333 20.34 13.22 4.98
CA ASP A 333 21.36 14.29 4.88
C ASP A 333 21.30 15.10 6.16
N PHE A 334 22.28 14.90 7.02
CA PHE A 334 22.24 15.53 8.32
C PHE A 334 22.33 17.05 8.27
N ALA A 335 23.10 17.51 7.32
CA ALA A 335 23.22 19.00 7.15
C ALA A 335 21.86 19.62 6.81
N LYS A 336 21.21 19.08 5.80
CA LYS A 336 19.92 19.61 5.32
C LYS A 336 18.81 19.44 6.36
N ALA A 337 18.79 18.29 7.01
CA ALA A 337 17.80 18.04 8.03
C ALA A 337 18.01 18.93 9.26
N SER A 338 19.26 19.18 9.68
CA SER A 338 19.52 20.11 10.80
C SER A 338 19.11 21.53 10.40
N ALA A 339 19.31 21.83 9.15
CA ALA A 339 18.93 23.16 8.66
C ALA A 339 17.46 23.45 8.73
N VAL A 340 16.62 22.45 8.46
CA VAL A 340 15.19 22.59 8.60
C VAL A 340 14.88 22.82 10.08
N VAL A 341 15.47 22.02 10.97
CA VAL A 341 15.24 22.12 12.37
C VAL A 341 15.65 23.53 12.83
N GLN A 342 16.80 23.99 12.33
CA GLN A 342 17.25 25.32 12.73
C GLN A 342 16.31 26.45 12.30
N LYS A 343 15.64 26.31 11.17
CA LYS A 343 14.68 27.31 10.71
C LYS A 343 13.52 27.37 11.72
N ALA A 344 13.09 26.20 12.20
CA ALA A 344 12.06 26.13 13.27
C ALA A 344 12.50 26.83 14.52
N ILE A 345 13.71 26.52 14.98
CA ILE A 345 14.32 27.12 16.17
C ILE A 345 14.37 28.64 16.04
N GLU A 346 14.76 29.12 14.87
CA GLU A 346 14.83 30.58 14.62
C GLU A 346 13.43 31.24 14.80
N LYS A 347 12.37 30.50 14.53
CA LYS A 347 11.01 31.05 14.63
C LYS A 347 10.45 30.97 16.03
N VAL A 348 10.66 29.85 16.71
CA VAL A 348 10.01 29.57 18.01
C VAL A 348 10.90 29.26 19.23
N GLY A 349 12.20 29.11 19.08
CA GLY A 349 13.02 28.91 20.25
C GLY A 349 13.57 27.49 20.37
N LYS A 350 14.87 27.34 20.68
CA LYS A 350 15.44 26.00 20.96
C LYS A 350 14.67 25.22 21.98
N ASP A 351 14.17 25.94 22.99
CA ASP A 351 13.43 25.34 24.05
C ASP A 351 12.13 24.71 23.54
N LYS A 352 11.61 25.11 22.37
CA LYS A 352 10.28 24.66 21.95
C LYS A 352 10.27 23.77 20.71
N VAL A 353 11.44 23.35 20.24
CA VAL A 353 11.58 22.47 19.08
C VAL A 353 12.08 21.09 19.44
N VAL A 354 11.44 20.08 18.83
CA VAL A 354 11.86 18.73 18.96
C VAL A 354 12.27 18.16 17.61
N VAL A 355 13.31 17.33 17.55
CA VAL A 355 13.71 16.66 16.32
C VAL A 355 12.99 15.31 16.20
N ALA A 356 12.23 15.04 15.12
CA ALA A 356 11.44 13.83 15.12
C ALA A 356 11.50 13.07 13.81
N THR A 357 11.13 11.81 13.87
CA THR A 357 10.74 11.14 12.63
C THR A 357 9.55 11.80 11.97
N SER A 358 9.52 11.79 10.65
CA SER A 358 8.42 12.50 9.98
C SER A 358 7.05 11.88 10.25
N SER A 359 7.02 10.57 10.34
CA SER A 359 5.83 9.71 10.63
C SER A 359 6.37 8.57 11.53
N SER A 360 5.49 7.71 11.93
CA SER A 360 5.93 6.47 12.49
C SER A 360 6.90 5.74 11.52
N LEU A 361 7.81 5.02 12.09
CA LEU A 361 8.70 4.14 11.38
C LEU A 361 8.06 2.81 11.04
N LEU A 362 6.77 2.61 11.31
CA LEU A 362 5.98 1.50 10.78
C LEU A 362 6.23 1.21 9.35
N HIS A 363 6.53 2.23 8.59
CA HIS A 363 6.62 2.16 7.15
C HIS A 363 8.00 1.83 6.59
N THR A 364 8.95 1.53 7.49
CA THR A 364 10.39 1.28 7.19
C THR A 364 10.72 -0.12 7.66
N PRO A 365 11.66 -0.80 6.99
CA PRO A 365 12.11 -2.09 7.56
C PRO A 365 12.88 -1.93 8.87
N VAL A 366 13.01 -3.02 9.61
CA VAL A 366 13.56 -2.95 10.97
C VAL A 366 15.04 -2.58 11.11
N ASP A 367 15.94 -3.22 10.36
CA ASP A 367 17.35 -3.08 10.64
C ASP A 367 18.21 -3.40 9.45
N LEU A 368 18.95 -2.40 9.00
CA LEU A 368 19.87 -2.59 7.88
C LEU A 368 20.96 -3.62 8.16
N GLU A 369 21.32 -3.83 9.44
CA GLU A 369 22.38 -4.78 9.79
C GLU A 369 22.05 -6.23 9.50
N SER A 370 20.80 -6.55 9.19
CA SER A 370 20.40 -7.88 8.87
C SER A 370 20.72 -8.21 7.42
N GLU A 371 21.03 -7.21 6.60
CA GLU A 371 21.22 -7.48 5.15
C GLU A 371 22.55 -8.23 5.01
N THR A 372 22.52 -9.37 4.30
CA THR A 372 23.69 -10.23 4.19
C THR A 372 24.39 -10.08 2.83
N LYS A 373 23.73 -9.46 1.81
CA LYS A 373 24.17 -9.51 0.41
C LYS A 373 24.45 -8.17 -0.20
N LEU A 374 23.88 -7.06 0.30
CA LEU A 374 24.17 -5.78 -0.28
C LEU A 374 25.67 -5.36 -0.13
N ASP A 375 26.20 -4.87 -1.21
CA ASP A 375 27.52 -4.28 -1.21
C ASP A 375 27.59 -3.09 -0.25
N ALA A 376 28.73 -2.95 0.44
CA ALA A 376 28.91 -1.90 1.45
C ALA A 376 28.73 -0.48 0.88
N VAL A 377 29.05 -0.28 -0.41
CA VAL A 377 28.90 1.00 -1.12
C VAL A 377 27.44 1.42 -1.17
N ILE A 378 26.58 0.44 -1.46
CA ILE A 378 25.12 0.67 -1.51
C ILE A 378 24.54 0.74 -0.13
N LYS A 379 24.91 -0.19 0.74
CA LYS A 379 24.41 -0.15 2.13
C LYS A 379 24.67 1.23 2.76
N ASP A 380 25.83 1.84 2.45
CA ASP A 380 26.19 3.19 2.93
C ASP A 380 25.17 4.27 2.58
N TRP A 381 24.30 4.01 1.59
CA TRP A 381 23.32 4.99 1.18
C TRP A 381 21.99 4.91 1.99
N PHE A 382 21.87 3.84 2.78
CA PHE A 382 20.63 3.45 3.42
C PHE A 382 20.64 3.64 4.93
N SER A 383 19.43 3.77 5.45
CA SER A 383 19.14 3.69 6.93
C SER A 383 17.76 3.06 7.05
N PHE A 384 17.65 1.97 7.82
CA PHE A 384 16.37 1.40 8.12
C PHE A 384 15.95 1.90 9.52
N ALA A 385 14.92 1.32 10.09
CA ALA A 385 14.28 1.91 11.30
C ALA A 385 15.28 2.04 12.45
N THR A 386 16.03 0.97 12.68
CA THR A 386 17.01 0.95 13.77
C THR A 386 18.05 2.10 13.59
N GLN A 387 18.48 2.36 12.34
CA GLN A 387 19.44 3.40 12.03
C GLN A 387 18.85 4.82 12.19
N LYS A 388 17.59 4.93 11.82
CA LYS A 388 16.89 6.22 11.95
C LYS A 388 16.84 6.69 13.40
N LEU A 389 16.80 5.76 14.34
CA LEU A 389 16.95 6.13 15.79
C LEU A 389 18.22 6.94 16.02
N ASP A 390 19.34 6.50 15.48
CA ASP A 390 20.64 7.20 15.67
C ASP A 390 20.62 8.56 15.00
N GLU A 391 19.93 8.62 13.85
CA GLU A 391 19.85 9.84 13.09
C GLU A 391 19.16 10.95 13.82
N VAL A 392 18.01 10.67 14.42
CA VAL A 392 17.28 11.74 15.07
C VAL A 392 18.13 12.25 16.29
N VAL A 393 18.79 11.29 16.93
CA VAL A 393 19.68 11.62 18.09
C VAL A 393 20.82 12.52 17.66
N VAL A 394 21.51 12.19 16.57
CA VAL A 394 22.65 13.00 16.11
C VAL A 394 22.21 14.39 15.66
N ILE A 395 21.11 14.44 14.91
CA ILE A 395 20.55 15.74 14.49
C ILE A 395 20.17 16.62 15.68
N ALA A 396 19.55 16.09 16.75
CA ALA A 396 19.20 16.88 17.88
C ALA A 396 20.50 17.36 18.56
N LYS A 397 21.49 16.48 18.66
CA LYS A 397 22.84 16.93 19.22
C LYS A 397 23.45 18.07 18.42
N ASN A 398 23.47 17.98 17.09
CA ASN A 398 24.04 18.98 16.22
C ASN A 398 23.37 20.35 16.48
N VAL A 399 22.03 20.41 16.36
CA VAL A 399 21.31 21.70 16.60
C VAL A 399 21.40 22.21 18.05
N SER A 400 21.65 21.32 19.04
CA SER A 400 21.90 21.71 20.40
C SER A 400 23.33 22.31 20.62
N GLY A 401 24.21 22.17 19.64
CA GLY A 401 25.58 22.75 19.73
C GLY A 401 26.71 21.79 20.03
N GLU A 402 26.48 20.49 20.00
CA GLU A 402 27.57 19.52 20.32
C GLU A 402 28.43 19.28 19.14
N ASP A 403 29.70 18.94 19.40
CA ASP A 403 30.62 18.65 18.33
C ASP A 403 30.29 17.25 17.83
N VAL A 404 29.56 17.18 16.72
CA VAL A 404 29.34 15.89 16.09
C VAL A 404 29.96 16.02 14.71
N SER A 405 31.13 16.68 14.60
CA SER A 405 31.74 17.02 13.30
C SER A 405 32.06 15.72 12.53
N LYS A 406 32.33 14.70 13.31
CA LYS A 406 32.85 13.40 12.83
C LYS A 406 31.71 12.74 12.06
N GLN A 407 30.58 12.72 12.76
CA GLN A 407 29.31 12.11 12.27
C GLN A 407 28.82 12.94 11.11
N LEU A 408 28.94 14.25 11.18
CA LEU A 408 28.59 15.05 10.07
C LEU A 408 29.43 14.85 8.86
N GLU A 409 30.78 14.73 9.01
CA GLU A 409 31.69 14.54 7.89
C GLU A 409 31.40 13.19 7.23
N ALA A 410 31.32 12.17 8.08
CA ALA A 410 30.98 10.76 7.69
C ALA A 410 29.64 10.75 6.91
N ASN A 411 28.64 11.43 7.47
CA ASN A 411 27.34 11.59 6.78
C ASN A 411 27.51 12.35 5.47
N ALA A 412 28.26 13.48 5.44
CA ALA A 412 28.36 14.26 4.22
C ALA A 412 29.09 13.46 3.11
N ALA A 413 30.05 12.66 3.53
CA ALA A 413 30.81 11.70 2.67
C ALA A 413 29.91 10.70 1.95
N SER A 414 29.00 10.13 2.76
CA SER A 414 27.97 9.23 2.24
C SER A 414 27.07 9.88 1.26
N ILE A 415 26.54 11.07 1.60
CA ILE A 415 25.66 11.78 0.71
C ILE A 415 26.29 12.09 -0.69
N LYS A 416 27.49 12.59 -0.64
CA LYS A 416 28.32 12.96 -1.81
C LYS A 416 28.63 11.75 -2.75
N ALA A 417 29.08 10.69 -2.13
CA ALA A 417 29.23 9.38 -2.82
C ALA A 417 28.01 8.96 -3.64
N ARG A 418 26.78 9.06 -3.06
CA ARG A 418 25.59 8.65 -3.80
C ARG A 418 25.30 9.55 -5.00
N SER A 419 25.48 10.84 -4.72
CA SER A 419 25.18 11.93 -5.64
C SER A 419 25.90 11.77 -7.01
N GLU A 420 27.14 11.29 -6.90
CA GLU A 420 28.06 11.12 -8.03
C GLU A 420 28.16 9.75 -8.66
N SER A 421 27.77 8.73 -7.94
CA SER A 421 27.85 7.38 -8.43
C SER A 421 27.28 7.18 -9.84
N SER A 422 27.92 6.31 -10.65
CA SER A 422 27.42 6.09 -12.01
C SER A 422 26.12 5.28 -11.90
N ILE A 423 26.00 4.50 -10.82
CA ILE A 423 24.76 3.83 -10.53
C ILE A 423 23.59 4.82 -10.61
N THR A 424 23.75 6.03 -10.08
CA THR A 424 22.62 6.95 -10.09
C THR A 424 22.38 7.52 -11.47
N ASN A 425 23.45 7.73 -12.23
CA ASN A 425 23.40 8.50 -13.44
C ASN A 425 23.84 7.67 -14.62
N ASP A 426 22.92 7.43 -15.54
CA ASP A 426 23.19 6.67 -16.72
C ASP A 426 22.90 7.68 -17.87
N PRO A 427 23.93 8.08 -18.65
CA PRO A 427 23.67 9.15 -19.57
C PRO A 427 22.80 8.73 -20.73
N LYS A 428 22.83 7.47 -21.10
CA LYS A 428 21.95 6.93 -22.10
C LYS A 428 20.47 7.06 -21.77
N VAL A 429 20.12 6.72 -20.55
CA VAL A 429 18.77 6.92 -20.06
C VAL A 429 18.42 8.41 -20.05
N GLN A 430 19.36 9.24 -19.63
CA GLN A 430 19.10 10.68 -19.65
C GLN A 430 18.80 11.21 -21.05
N GLU A 431 19.55 10.72 -22.00
CA GLU A 431 19.43 11.14 -23.38
C GLU A 431 18.04 10.70 -23.89
N ARG A 432 17.63 9.51 -23.48
CA ARG A 432 16.33 8.98 -23.91
C ARG A 432 15.14 9.78 -23.37
N LEU A 433 15.24 10.22 -22.12
CA LEU A 433 14.19 11.04 -21.55
C LEU A 433 13.95 12.27 -22.38
N THR A 434 15.02 12.83 -22.95
CA THR A 434 14.87 14.03 -23.82
C THR A 434 14.04 13.71 -25.10
N THR A 435 14.05 12.44 -25.55
CA THR A 435 13.30 12.03 -26.72
C THR A 435 11.81 11.95 -26.48
N ILE A 436 11.37 12.00 -25.21
CA ILE A 436 9.97 11.88 -24.93
C ILE A 436 9.19 13.09 -25.45
N ASN A 437 8.14 12.82 -26.21
CA ASN A 437 7.32 13.85 -26.83
C ASN A 437 5.93 13.31 -27.09
N GLU A 438 5.04 14.08 -27.71
CA GLU A 438 3.66 13.60 -27.93
C GLU A 438 3.56 12.30 -28.74
N ALA A 439 4.33 12.23 -29.80
CA ALA A 439 4.37 11.09 -30.69
C ALA A 439 4.74 9.84 -29.96
N LEU A 440 5.71 9.92 -29.04
CA LEU A 440 6.15 8.74 -28.28
C LEU A 440 5.06 8.21 -27.38
N ALA A 441 4.04 9.04 -27.09
CA ALA A 441 2.99 8.71 -26.10
C ALA A 441 1.60 8.64 -26.76
N THR A 442 1.61 8.39 -28.06
CA THR A 442 0.37 8.29 -28.86
C THR A 442 0.45 7.12 -29.83
N ARG A 443 -0.60 6.32 -29.88
CA ARG A 443 -0.68 5.21 -30.86
C ARG A 443 -0.69 5.80 -32.27
N LYS A 444 -0.39 4.96 -33.26
CA LYS A 444 -0.29 5.35 -34.66
C LYS A 444 -1.64 5.76 -35.23
N ALA A 445 -2.72 5.31 -34.61
CA ALA A 445 -4.07 5.64 -34.99
C ALA A 445 -4.99 5.51 -33.81
N ALA A 446 -6.13 6.17 -33.89
CA ALA A 446 -7.13 6.14 -32.85
C ALA A 446 -7.90 4.86 -32.85
N PHE A 447 -8.62 4.64 -31.76
CA PHE A 447 -9.22 3.36 -31.49
C PHE A 447 -10.12 2.83 -32.63
N PRO A 448 -11.06 3.67 -33.10
CA PRO A 448 -11.90 3.12 -34.20
C PRO A 448 -11.12 2.52 -35.36
N GLU A 449 -10.09 3.21 -35.84
N GLU A 449 -10.05 3.18 -35.77
CA GLU A 449 -9.23 2.70 -36.91
CA GLU A 449 -9.27 2.74 -36.88
C GLU A 449 -8.60 1.39 -36.45
C GLU A 449 -8.39 1.52 -36.55
N ARG A 450 -7.95 1.46 -35.29
CA ARG A 450 -7.27 0.29 -34.80
C ARG A 450 -8.25 -0.91 -34.70
N LEU A 451 -9.47 -0.65 -34.28
CA LEU A 451 -10.39 -1.72 -34.09
C LEU A 451 -10.61 -2.47 -35.41
N THR A 452 -10.65 -1.74 -36.52
CA THR A 452 -10.85 -2.35 -37.83
C THR A 452 -9.75 -3.33 -38.16
N GLU A 453 -8.51 -2.93 -37.86
CA GLU A 453 -7.38 -3.79 -38.06
C GLU A 453 -7.36 -4.99 -37.13
N GLN A 454 -7.71 -4.78 -35.85
CA GLN A 454 -7.78 -5.89 -34.92
C GLN A 454 -8.93 -6.87 -35.26
N LYS A 455 -10.07 -6.39 -35.76
CA LYS A 455 -11.15 -7.31 -36.18
C LYS A 455 -10.68 -8.16 -37.35
N ALA A 456 -10.01 -7.54 -38.31
CA ALA A 456 -9.44 -8.35 -39.41
C ALA A 456 -8.43 -9.40 -38.93
N LYS A 457 -7.55 -9.03 -38.00
CA LYS A 457 -6.51 -9.93 -37.57
C LYS A 457 -7.01 -11.05 -36.71
N TYR A 458 -7.89 -10.77 -35.72
CA TYR A 458 -8.26 -11.80 -34.74
C TYR A 458 -9.68 -12.36 -34.95
N ASN A 459 -10.54 -11.60 -35.61
CA ASN A 459 -11.94 -11.92 -35.78
C ASN A 459 -12.65 -12.42 -34.52
N LEU A 460 -12.44 -11.73 -33.40
CA LEU A 460 -12.99 -12.24 -32.15
C LEU A 460 -14.49 -12.20 -32.19
N PRO A 461 -15.11 -13.17 -31.55
CA PRO A 461 -16.61 -13.09 -31.50
C PRO A 461 -17.09 -11.98 -30.59
N LEU A 462 -18.38 -11.61 -30.66
CA LEU A 462 -18.96 -10.79 -29.60
C LEU A 462 -18.86 -11.53 -28.25
N PHE A 463 -18.93 -10.78 -27.14
CA PHE A 463 -18.68 -11.33 -25.80
C PHE A 463 -17.46 -12.21 -25.75
N PRO A 464 -16.32 -11.68 -26.21
CA PRO A 464 -15.12 -12.46 -26.12
C PRO A 464 -14.76 -12.73 -24.69
N THR A 465 -14.28 -13.92 -24.44
CA THR A 465 -13.90 -14.39 -23.12
C THR A 465 -12.41 -14.43 -22.92
N THR A 466 -11.99 -14.04 -21.73
CA THR A 466 -10.59 -14.04 -21.40
C THR A 466 -10.39 -14.18 -19.89
N THR A 467 -9.15 -14.33 -19.44
CA THR A 467 -8.78 -14.24 -18.02
C THR A 467 -7.65 -13.22 -17.78
N ILE A 468 -7.28 -13.02 -16.51
CA ILE A 468 -6.37 -11.90 -16.17
C ILE A 468 -4.89 -12.25 -16.16
N GLY A 469 -4.52 -13.53 -16.06
CA GLY A 469 -3.09 -13.92 -16.33
C GLY A 469 -2.62 -15.10 -15.54
N SER A 470 -2.85 -15.08 -14.23
CA SER A 470 -2.25 -16.13 -13.37
C SER A 470 -3.24 -17.27 -13.18
N PHE A 471 -2.69 -18.49 -13.06
CA PHE A 471 -3.48 -19.66 -12.73
C PHE A 471 -2.80 -20.35 -11.52
N PRO A 472 -3.53 -21.23 -10.85
CA PRO A 472 -2.96 -21.99 -9.70
C PRO A 472 -1.62 -22.70 -10.02
N GLN A 473 -0.60 -22.55 -9.19
CA GLN A 473 0.67 -23.26 -9.40
C GLN A 473 0.63 -24.61 -8.65
N THR A 474 0.99 -25.70 -9.33
CA THR A 474 1.14 -27.00 -8.69
C THR A 474 2.18 -26.95 -7.56
N LYS A 475 2.13 -27.97 -6.70
CA LYS A 475 3.16 -28.16 -5.68
C LYS A 475 4.52 -28.47 -6.32
N ASP A 476 4.52 -29.25 -7.39
CA ASP A 476 5.76 -29.66 -8.09
C ASP A 476 6.51 -28.44 -8.68
N ILE A 477 5.77 -27.47 -9.24
CA ILE A 477 6.39 -26.23 -9.69
C ILE A 477 7.08 -25.50 -8.51
N ARG A 478 6.45 -25.40 -7.36
CA ARG A 478 7.11 -24.71 -6.23
C ARG A 478 8.38 -25.45 -5.71
N ILE A 479 8.31 -26.76 -5.67
CA ILE A 479 9.46 -27.55 -5.24
C ILE A 479 10.58 -27.35 -6.30
N ASN A 480 10.23 -27.35 -7.59
CA ASN A 480 11.23 -27.21 -8.63
C ASN A 480 11.87 -25.81 -8.70
N ARG A 481 11.10 -24.76 -8.37
CA ARG A 481 11.63 -23.42 -8.27
C ARG A 481 12.74 -23.39 -7.20
N ASN A 482 12.54 -24.11 -6.09
CA ASN A 482 13.54 -24.20 -5.03
C ASN A 482 14.78 -24.95 -5.46
N LYS A 483 14.57 -26.08 -6.11
CA LYS A 483 15.65 -26.90 -6.60
C LYS A 483 16.45 -26.12 -7.65
N PHE A 484 15.76 -25.36 -8.51
CA PHE A 484 16.48 -24.59 -9.54
C PHE A 484 17.34 -23.56 -8.86
N ALA A 485 16.80 -22.95 -7.81
CA ALA A 485 17.49 -21.90 -7.08
C ALA A 485 18.77 -22.42 -6.38
N LYS A 486 18.90 -23.73 -6.18
CA LYS A 486 20.14 -24.36 -5.71
C LYS A 486 20.95 -25.06 -6.79
N GLY A 487 20.59 -24.94 -8.05
CA GLY A 487 21.30 -25.69 -9.08
C GLY A 487 21.03 -27.19 -9.09
N GLN A 488 20.02 -27.66 -8.35
CA GLN A 488 19.76 -29.11 -8.26
C GLN A 488 19.09 -29.56 -9.51
N ILE A 489 18.54 -28.60 -10.27
CA ILE A 489 18.15 -28.87 -11.62
C ILE A 489 18.80 -27.77 -12.49
N THR A 490 19.07 -28.10 -13.74
CA THR A 490 19.65 -27.16 -14.66
C THR A 490 18.59 -26.13 -15.08
N ALA A 491 19.07 -25.00 -15.58
CA ALA A 491 18.19 -23.98 -16.19
C ALA A 491 17.32 -24.62 -17.27
N GLU A 492 17.93 -25.43 -18.13
CA GLU A 492 17.19 -26.22 -19.12
C GLU A 492 16.07 -27.08 -18.51
N GLU A 493 16.32 -27.69 -17.35
CA GLU A 493 15.31 -28.58 -16.75
C GLU A 493 14.16 -27.77 -16.09
N TYR A 494 14.50 -26.65 -15.45
CA TYR A 494 13.48 -25.77 -14.89
C TYR A 494 12.58 -25.23 -16.02
N GLU A 495 13.19 -24.87 -17.15
CA GLU A 495 12.45 -24.31 -18.30
C GLU A 495 11.47 -25.33 -18.80
N ALA A 496 11.93 -26.55 -18.96
CA ALA A 496 11.04 -27.67 -19.26
C ALA A 496 9.90 -27.83 -18.28
N PHE A 497 10.16 -27.73 -16.97
CA PHE A 497 9.07 -27.81 -15.96
C PHE A 497 8.05 -26.65 -16.14
N ILE A 498 8.56 -25.45 -16.36
CA ILE A 498 7.70 -24.29 -16.55
C ILE A 498 6.86 -24.43 -17.81
N ASN A 499 7.48 -24.87 -18.90
CA ASN A 499 6.74 -25.10 -20.16
C ASN A 499 5.71 -26.16 -20.03
N LYS A 500 6.02 -27.25 -19.31
CA LYS A 500 4.97 -28.25 -19.02
C LYS A 500 3.80 -27.62 -18.29
N GLU A 501 4.06 -26.77 -17.30
CA GLU A 501 2.97 -26.12 -16.57
C GLU A 501 2.22 -25.14 -17.49
N ILE A 502 2.95 -24.42 -18.34
CA ILE A 502 2.26 -23.56 -19.33
C ILE A 502 1.37 -24.44 -20.24
N GLU A 503 1.91 -25.55 -20.72
CA GLU A 503 1.10 -26.42 -21.62
C GLU A 503 -0.23 -26.82 -20.97
N THR A 504 -0.14 -27.26 -19.74
CA THR A 504 -1.30 -27.68 -19.02
C THR A 504 -2.35 -26.60 -18.96
N VAL A 505 -1.88 -25.39 -18.69
CA VAL A 505 -2.74 -24.23 -18.55
C VAL A 505 -3.36 -23.80 -19.88
N VAL A 506 -2.58 -23.82 -20.94
CA VAL A 506 -3.13 -23.51 -22.26
C VAL A 506 -4.17 -24.54 -22.71
N ARG A 507 -3.84 -25.82 -22.50
CA ARG A 507 -4.74 -26.96 -22.87
C ARG A 507 -6.07 -26.82 -22.15
N PHE A 508 -6.01 -26.48 -20.87
CA PHE A 508 -7.23 -26.30 -20.11
C PHE A 508 -8.12 -25.19 -20.71
N GLN A 509 -7.53 -24.04 -21.07
CA GLN A 509 -8.33 -22.92 -21.53
C GLN A 509 -8.91 -23.22 -22.88
N GLU A 510 -8.17 -23.94 -23.70
CA GLU A 510 -8.67 -24.36 -25.03
C GLU A 510 -9.87 -25.29 -24.88
N GLU A 511 -9.76 -26.27 -23.99
CA GLU A 511 -10.87 -27.24 -23.84
C GLU A 511 -12.13 -26.58 -23.35
N ILE A 512 -12.04 -25.50 -22.60
CA ILE A 512 -13.26 -24.83 -22.14
C ILE A 512 -13.75 -23.65 -22.99
N GLY A 513 -13.02 -23.35 -24.07
CA GLY A 513 -13.51 -22.40 -25.05
C GLY A 513 -13.21 -20.92 -24.85
N LEU A 514 -12.27 -20.59 -23.98
CA LEU A 514 -11.86 -19.19 -23.82
C LEU A 514 -11.30 -18.69 -25.17
N ASP A 515 -11.47 -17.40 -25.46
CA ASP A 515 -11.14 -16.83 -26.78
C ASP A 515 -9.75 -16.16 -26.84
N VAL A 516 -9.36 -15.55 -25.74
CA VAL A 516 -8.01 -14.87 -25.58
C VAL A 516 -7.36 -15.46 -24.33
N LEU A 517 -6.24 -16.11 -24.52
CA LEU A 517 -5.62 -16.95 -23.54
C LEU A 517 -4.48 -16.23 -22.84
N VAL A 518 -4.07 -16.85 -21.74
CA VAL A 518 -2.91 -16.45 -20.96
C VAL A 518 -2.07 -17.67 -20.64
N HIS A 519 -0.85 -17.44 -20.13
CA HIS A 519 0.09 -18.51 -19.93
C HIS A 519 0.16 -19.04 -18.48
N GLY A 520 -0.56 -18.37 -17.60
CA GLY A 520 -0.65 -18.75 -16.17
C GLY A 520 0.42 -18.22 -15.22
N GLU A 521 1.48 -17.63 -15.78
CA GLU A 521 2.54 -16.96 -15.00
C GLU A 521 3.25 -17.83 -13.96
N PRO A 522 3.49 -19.12 -14.28
CA PRO A 522 4.06 -19.98 -13.25
C PRO A 522 5.48 -19.62 -12.93
N GLU A 523 6.13 -18.93 -13.84
CA GLU A 523 7.51 -18.54 -13.63
C GLU A 523 7.70 -17.31 -12.71
N ARG A 524 6.61 -16.67 -12.32
CA ARG A 524 6.64 -15.40 -11.59
C ARG A 524 6.15 -15.55 -10.17
N ASN A 525 6.92 -15.02 -9.25
CA ASN A 525 6.52 -15.17 -7.87
C ASN A 525 6.10 -13.89 -7.21
N ASP A 526 6.11 -12.78 -7.97
CA ASP A 526 5.81 -11.47 -7.42
C ASP A 526 5.72 -10.47 -8.58
N MET A 527 4.70 -9.64 -8.58
CA MET A 527 4.36 -8.80 -9.70
C MET A 527 5.33 -7.69 -9.96
N VAL A 528 6.09 -7.27 -8.94
CA VAL A 528 7.08 -6.24 -9.13
C VAL A 528 8.52 -6.74 -9.14
N GLN A 529 8.88 -7.59 -8.18
CA GLN A 529 10.23 -8.09 -8.13
C GLN A 529 10.64 -8.88 -9.37
N TYR A 530 9.68 -9.53 -10.01
CA TYR A 530 9.97 -10.31 -11.22
C TYR A 530 10.60 -9.42 -12.28
N PHE A 531 10.08 -8.20 -12.37
CA PHE A 531 10.62 -7.19 -13.32
C PHE A 531 11.82 -6.43 -12.75
N GLY A 532 11.73 -5.93 -11.54
CA GLY A 532 12.90 -5.31 -10.94
C GLY A 532 14.24 -6.03 -11.07
N GLU A 533 14.26 -7.32 -10.81
CA GLU A 533 15.48 -8.13 -10.91
C GLU A 533 16.06 -8.14 -12.31
N GLN A 534 15.22 -7.83 -13.30
CA GLN A 534 15.64 -7.85 -14.65
C GLN A 534 15.87 -6.43 -15.18
N LEU A 535 15.85 -5.45 -14.30
CA LEU A 535 16.05 -4.06 -14.68
C LEU A 535 17.26 -3.51 -14.00
N ASN A 536 17.99 -2.67 -14.69
CA ASN A 536 19.09 -1.95 -14.08
C ASN A 536 18.45 -0.79 -13.23
N GLY A 537 19.18 -0.35 -12.25
CA GLY A 537 18.73 0.78 -11.38
C GLY A 537 18.05 0.30 -10.09
N PHE A 538 17.96 -1.02 -9.88
CA PHE A 538 17.30 -1.64 -8.68
C PHE A 538 18.30 -2.30 -7.74
N ALA A 539 17.99 -2.23 -6.46
CA ALA A 539 18.63 -3.03 -5.41
C ALA A 539 17.55 -3.83 -4.65
N PHE A 540 17.91 -4.99 -4.08
CA PHE A 540 16.99 -5.86 -3.33
C PHE A 540 17.55 -6.17 -1.93
N THR A 541 16.66 -6.41 -1.00
CA THR A 541 17.07 -6.74 0.34
C THR A 541 16.80 -8.19 0.62
N THR A 542 17.54 -8.68 1.60
CA THR A 542 17.21 -10.00 2.20
C THR A 542 16.18 -9.95 3.32
N ASN A 543 16.09 -8.83 4.05
CA ASN A 543 15.27 -8.84 5.23
C ASN A 543 14.48 -7.49 5.34
N GLY A 544 14.30 -6.80 4.22
CA GLY A 544 13.71 -5.45 4.21
C GLY A 544 12.21 -5.50 4.26
N TRP A 545 11.67 -6.17 5.28
CA TRP A 545 10.22 -6.41 5.34
C TRP A 545 9.49 -5.21 5.97
N VAL A 546 8.34 -4.88 5.41
CA VAL A 546 7.44 -3.83 5.95
C VAL A 546 6.04 -4.44 6.08
N GLN A 547 5.34 -4.16 7.19
CA GLN A 547 3.97 -4.64 7.31
C GLN A 547 3.08 -4.03 6.30
N SER A 548 2.29 -4.86 5.64
CA SER A 548 1.32 -4.34 4.68
C SER A 548 -0.07 -4.40 5.30
N TYR A 549 -0.47 -5.57 5.80
N TYR A 549 -0.48 -5.56 5.79
CA TYR A 549 -1.75 -5.74 6.49
CA TYR A 549 -1.75 -5.68 6.52
C TYR A 549 -1.63 -6.96 7.38
C TYR A 549 -1.75 -6.96 7.32
N GLY A 550 -2.06 -6.84 8.63
CA GLY A 550 -2.08 -8.00 9.51
C GLY A 550 -0.70 -8.63 9.57
N SER A 551 -0.63 -9.94 9.33
CA SER A 551 0.65 -10.61 9.30
C SER A 551 1.24 -10.73 7.92
N ARG A 552 0.66 -10.03 6.95
CA ARG A 552 1.15 -10.03 5.55
C ARG A 552 2.09 -8.87 5.30
N TYR A 553 3.35 -9.17 4.97
CA TYR A 553 4.41 -8.17 4.83
C TYR A 553 4.89 -8.12 3.41
N VAL A 554 5.50 -7.01 3.02
CA VAL A 554 6.13 -6.93 1.72
C VAL A 554 7.58 -6.61 1.89
N ARG A 555 8.38 -6.99 0.90
CA ARG A 555 9.80 -6.72 0.91
C ARG A 555 10.07 -5.89 -0.38
N PRO A 556 9.86 -4.57 -0.36
CA PRO A 556 9.91 -3.86 -1.60
C PRO A 556 11.30 -3.81 -2.21
N PRO A 557 11.38 -3.87 -3.53
CA PRO A 557 12.61 -3.50 -4.20
C PRO A 557 12.93 -2.03 -3.91
N ILE A 558 14.19 -1.64 -4.11
CA ILE A 558 14.62 -0.28 -4.00
C ILE A 558 15.10 0.22 -5.32
N ILE A 559 14.53 1.33 -5.76
CA ILE A 559 15.08 2.01 -6.93
C ILE A 559 16.28 2.87 -6.46
N VAL A 560 17.50 2.55 -6.98
CA VAL A 560 18.70 3.23 -6.55
C VAL A 560 19.34 4.16 -7.60
N GLY A 561 18.88 4.05 -8.83
CA GLY A 561 19.61 4.67 -9.91
C GLY A 561 18.75 4.69 -11.15
N ASP A 562 19.32 5.22 -12.22
CA ASP A 562 18.56 5.34 -13.44
C ASP A 562 18.19 3.93 -14.00
N VAL A 563 16.95 3.80 -14.43
CA VAL A 563 16.38 2.51 -14.76
C VAL A 563 16.43 2.27 -16.26
N SER A 564 16.85 1.09 -16.63
CA SER A 564 16.75 0.63 -17.99
C SER A 564 16.59 -0.85 -18.03
N ARG A 565 16.27 -1.39 -19.23
CA ARG A 565 16.02 -2.81 -19.42
C ARG A 565 17.01 -3.42 -20.37
N PRO A 566 17.94 -4.23 -19.87
CA PRO A 566 19.00 -4.70 -20.80
C PRO A 566 18.50 -5.65 -21.85
N LYS A 567 17.58 -6.53 -21.50
CA LYS A 567 17.10 -7.56 -22.42
C LYS A 567 15.72 -8.05 -22.05
N ALA A 568 15.21 -8.89 -22.92
CA ALA A 568 13.91 -9.46 -22.76
C ALA A 568 13.65 -10.06 -21.41
N MET A 569 12.54 -9.64 -20.82
CA MET A 569 12.17 -10.08 -19.47
C MET A 569 11.11 -11.17 -19.48
N THR A 570 10.20 -11.15 -20.45
CA THR A 570 9.03 -12.03 -20.37
C THR A 570 8.79 -12.82 -21.66
N VAL A 571 9.59 -12.58 -22.69
CA VAL A 571 9.25 -12.97 -24.04
C VAL A 571 9.27 -14.50 -24.17
N LYS A 572 10.28 -15.14 -23.57
CA LYS A 572 10.44 -16.59 -23.77
C LYS A 572 9.22 -17.40 -23.43
N GLU A 573 8.64 -17.15 -22.26
CA GLU A 573 7.50 -17.92 -21.77
C GLU A 573 6.23 -17.59 -22.59
N SER A 574 6.05 -16.32 -22.93
CA SER A 574 4.93 -15.98 -23.76
C SER A 574 5.07 -16.59 -25.19
N VAL A 575 6.25 -16.53 -25.81
CA VAL A 575 6.45 -17.23 -27.13
C VAL A 575 6.21 -18.74 -27.03
N TYR A 576 6.63 -19.37 -25.94
CA TYR A 576 6.33 -20.79 -25.78
C TYR A 576 4.82 -21.00 -25.71
N ALA A 577 4.13 -20.20 -24.90
CA ALA A 577 2.70 -20.34 -24.73
C ALA A 577 1.95 -20.10 -26.05
N GLN A 578 2.39 -19.11 -26.84
CA GLN A 578 1.75 -18.82 -28.14
C GLN A 578 2.03 -19.95 -29.12
N SER A 579 3.16 -20.66 -28.95
CA SER A 579 3.62 -21.62 -29.95
C SER A 579 2.78 -22.87 -29.97
N ILE A 580 2.04 -23.10 -28.89
CA ILE A 580 1.28 -24.35 -28.75
C ILE A 580 -0.24 -24.17 -28.89
N THR A 581 -0.66 -22.98 -29.37
CA THR A 581 -2.09 -22.71 -29.62
C THR A 581 -2.31 -21.72 -30.77
N SER A 582 -3.42 -21.88 -31.53
CA SER A 582 -3.75 -20.85 -32.52
C SER A 582 -4.61 -19.70 -31.93
N LYS A 583 -5.01 -19.82 -30.67
CA LYS A 583 -5.73 -18.77 -29.98
C LYS A 583 -4.74 -17.61 -29.68
N PRO A 584 -5.20 -16.37 -29.74
CA PRO A 584 -4.32 -15.27 -29.28
C PRO A 584 -3.90 -15.37 -27.83
N MET A 585 -2.60 -15.22 -27.63
CA MET A 585 -1.97 -15.31 -26.32
C MET A 585 -1.61 -13.92 -25.81
N LYS A 586 -2.08 -13.57 -24.62
CA LYS A 586 -1.72 -12.31 -23.94
C LYS A 586 -0.33 -12.40 -23.38
N GLY A 587 0.50 -11.48 -23.82
CA GLY A 587 1.74 -11.12 -23.04
C GLY A 587 1.27 -10.37 -21.78
N MET A 588 2.19 -10.18 -20.82
CA MET A 588 1.73 -9.84 -19.47
C MET A 588 2.83 -9.08 -18.75
N LEU A 589 2.59 -7.80 -18.48
CA LEU A 589 3.57 -6.88 -17.87
C LEU A 589 2.96 -6.09 -16.74
N THR A 590 3.74 -5.80 -15.70
CA THR A 590 3.34 -4.82 -14.68
C THR A 590 3.73 -3.44 -15.19
N GLY A 591 2.79 -2.52 -15.07
CA GLY A 591 3.00 -1.14 -15.48
C GLY A 591 4.00 -0.31 -14.67
N PRO A 592 4.46 0.81 -15.25
CA PRO A 592 5.49 1.64 -14.63
C PRO A 592 5.04 2.24 -13.31
N VAL A 593 3.77 2.68 -13.19
CA VAL A 593 3.33 3.33 -11.95
C VAL A 593 3.32 2.35 -10.77
N THR A 594 2.89 1.12 -11.02
CA THR A 594 2.88 0.04 -9.99
C THR A 594 4.26 -0.37 -9.57
N ILE A 595 5.19 -0.50 -10.53
CA ILE A 595 6.54 -0.83 -10.13
C ILE A 595 7.11 0.29 -9.24
N LEU A 596 6.84 1.55 -9.60
CA LEU A 596 7.30 2.64 -8.79
C LEU A 596 6.63 2.60 -7.41
N ARG A 597 5.31 2.44 -7.40
CA ARG A 597 4.56 2.64 -6.12
C ARG A 597 4.85 1.50 -5.13
N TRP A 598 5.19 0.30 -5.62
CA TRP A 598 5.45 -0.81 -4.72
C TRP A 598 6.94 -1.06 -4.51
N SER A 599 7.74 -0.13 -4.92
CA SER A 599 9.16 -0.05 -4.57
C SER A 599 9.43 1.10 -3.59
N PHE A 600 10.60 1.10 -2.95
CA PHE A 600 11.09 2.29 -2.29
C PHE A 600 11.71 3.13 -3.44
N PRO A 601 11.21 4.33 -3.61
CA PRO A 601 11.66 5.16 -4.74
C PRO A 601 12.89 5.94 -4.40
N ARG A 602 13.54 6.49 -5.40
CA ARG A 602 14.62 7.44 -5.14
C ARG A 602 14.05 8.68 -4.50
N ASP A 603 14.83 9.25 -3.59
CA ASP A 603 14.40 10.56 -3.04
C ASP A 603 15.16 11.72 -3.64
N ASP A 604 16.02 11.48 -4.65
CA ASP A 604 16.85 12.54 -5.31
C ASP A 604 16.30 13.04 -6.65
N VAL A 605 15.36 12.29 -7.20
CA VAL A 605 14.64 12.63 -8.46
C VAL A 605 13.12 12.38 -8.23
N SER A 606 12.28 13.08 -9.00
CA SER A 606 10.85 12.97 -8.85
C SER A 606 10.36 11.59 -9.17
N GLY A 607 9.17 11.29 -8.66
CA GLY A 607 8.42 10.04 -9.01
C GLY A 607 8.12 10.04 -10.51
N LYS A 608 7.77 11.23 -11.04
CA LYS A 608 7.49 11.41 -12.48
C LYS A 608 8.67 10.89 -13.32
N ILE A 609 9.86 11.34 -13.03
CA ILE A 609 11.03 10.90 -13.80
C ILE A 609 11.24 9.39 -13.67
N GLN A 610 11.16 8.86 -12.47
CA GLN A 610 11.27 7.43 -12.29
C GLN A 610 10.23 6.66 -13.14
N ALA A 611 8.98 7.11 -13.10
CA ALA A 611 7.90 6.43 -13.86
C ALA A 611 8.19 6.51 -15.39
N LEU A 612 8.72 7.64 -15.86
CA LEU A 612 8.99 7.77 -17.33
C LEU A 612 10.15 6.89 -17.75
N GLN A 613 11.18 6.77 -16.87
CA GLN A 613 12.31 5.83 -17.12
C GLN A 613 11.71 4.41 -17.17
N LEU A 614 10.83 4.09 -16.22
CA LEU A 614 10.21 2.76 -16.22
C LEU A 614 9.33 2.54 -17.45
N GLY A 615 8.67 3.59 -17.90
CA GLY A 615 7.83 3.57 -19.10
C GLY A 615 8.67 3.24 -20.35
N LEU A 616 9.79 3.90 -20.47
CA LEU A 616 10.73 3.62 -21.58
C LEU A 616 11.29 2.20 -21.49
N ALA A 617 11.63 1.72 -20.30
CA ALA A 617 12.15 0.38 -20.20
C ALA A 617 11.09 -0.64 -20.61
N LEU A 618 9.85 -0.45 -20.17
CA LEU A 618 8.76 -1.35 -20.51
C LEU A 618 8.37 -1.23 -21.97
N ARG A 619 8.62 -0.08 -22.56
CA ARG A 619 8.40 0.06 -24.01
C ARG A 619 9.26 -0.92 -24.83
N ASP A 620 10.51 -1.09 -24.44
CA ASP A 620 11.40 -2.05 -25.09
C ASP A 620 10.83 -3.47 -25.00
N GLU A 621 10.27 -3.78 -23.82
CA GLU A 621 9.69 -5.06 -23.60
C GLU A 621 8.41 -5.27 -24.47
N VAL A 622 7.46 -4.34 -24.46
CA VAL A 622 6.26 -4.40 -25.34
C VAL A 622 6.72 -4.59 -26.80
N ASN A 623 7.65 -3.77 -27.21
CA ASN A 623 8.21 -3.83 -28.57
C ASN A 623 8.80 -5.24 -28.87
N ASP A 624 9.51 -5.82 -27.93
CA ASP A 624 10.17 -7.09 -28.15
C ASP A 624 9.06 -8.19 -28.19
N LEU A 625 8.05 -8.09 -27.36
CA LEU A 625 6.91 -9.09 -27.38
C LEU A 625 6.24 -9.01 -28.74
N GLU A 626 5.93 -7.81 -29.19
CA GLU A 626 5.23 -7.66 -30.46
C GLU A 626 6.06 -8.31 -31.57
N GLY A 627 7.35 -7.99 -31.54
CA GLY A 627 8.29 -8.54 -32.54
C GLY A 627 8.41 -10.05 -32.58
N ALA A 628 8.23 -10.70 -31.44
CA ALA A 628 8.31 -12.08 -31.32
C ALA A 628 6.93 -12.77 -31.62
N GLY A 629 5.92 -12.00 -32.04
CA GLY A 629 4.61 -12.52 -32.37
C GLY A 629 3.54 -12.48 -31.29
N ILE A 630 3.87 -11.82 -30.18
CA ILE A 630 2.95 -11.71 -29.07
C ILE A 630 2.29 -10.35 -29.28
N THR A 631 1.14 -10.33 -29.90
CA THR A 631 0.53 -9.08 -30.43
C THR A 631 -0.73 -8.72 -29.66
N VAL A 632 -0.97 -9.43 -28.57
CA VAL A 632 -1.94 -9.06 -27.58
C VAL A 632 -1.13 -8.94 -26.28
N ILE A 633 -1.14 -7.77 -25.65
CA ILE A 633 -0.28 -7.51 -24.50
C ILE A 633 -1.10 -6.80 -23.46
N GLN A 634 -1.10 -7.33 -22.26
CA GLN A 634 -1.74 -6.70 -21.12
C GLN A 634 -0.72 -6.06 -20.20
N VAL A 635 -1.03 -4.87 -19.73
CA VAL A 635 -0.21 -4.14 -18.76
C VAL A 635 -1.06 -3.91 -17.47
N ASP A 636 -0.58 -4.49 -16.38
CA ASP A 636 -1.30 -4.55 -15.08
C ASP A 636 -0.90 -3.25 -14.30
N GLU A 637 -1.85 -2.38 -13.89
CA GLU A 637 -1.59 -1.22 -13.08
C GLU A 637 -2.48 -1.18 -11.87
N PRO A 638 -2.42 -2.24 -11.04
CA PRO A 638 -3.18 -2.20 -9.77
C PRO A 638 -2.94 -0.98 -8.86
N ALA A 639 -1.74 -0.37 -8.83
CA ALA A 639 -1.38 0.66 -7.86
C ALA A 639 -1.59 2.13 -8.33
N ILE A 640 -2.27 2.34 -9.44
CA ILE A 640 -2.54 3.71 -9.98
C ILE A 640 -3.24 4.63 -8.96
N ARG A 641 -4.33 4.21 -8.37
CA ARG A 641 -4.96 5.07 -7.34
C ARG A 641 -4.00 5.38 -6.17
N GLU A 642 -2.98 4.54 -5.94
CA GLU A 642 -2.34 4.50 -4.62
C GLU A 642 -1.37 5.67 -4.41
N GLY A 643 -0.86 6.21 -5.51
CA GLY A 643 0.02 7.40 -5.51
C GLY A 643 -0.71 8.72 -5.64
N LEU A 644 -2.06 8.67 -5.64
CA LEU A 644 -2.86 9.87 -5.90
C LEU A 644 -2.53 10.87 -4.82
N PRO A 645 -2.12 12.07 -5.19
CA PRO A 645 -1.85 13.02 -4.11
C PRO A 645 -3.07 13.20 -3.17
N LEU A 646 -2.78 13.50 -1.91
CA LEU A 646 -3.79 13.51 -0.90
C LEU A 646 -4.85 14.60 -0.96
N ARG A 647 -4.54 15.73 -1.62
CA ARG A 647 -5.46 16.86 -1.77
C ARG A 647 -5.67 17.10 -3.25
N ALA A 648 -6.85 17.59 -3.57
CA ALA A 648 -7.12 18.08 -4.92
C ALA A 648 -6.25 19.27 -5.23
N GLY A 649 -5.98 19.43 -6.51
CA GLY A 649 -5.10 20.51 -6.98
C GLY A 649 -4.11 20.09 -8.06
N LYS A 650 -3.12 20.95 -8.29
CA LYS A 650 -2.13 20.78 -9.34
C LYS A 650 -1.31 19.53 -9.19
N GLU A 651 -0.78 19.27 -8.01
CA GLU A 651 -0.03 18.02 -7.79
C GLU A 651 -0.82 16.76 -8.26
N ARG A 652 -2.12 16.75 -7.93
CA ARG A 652 -2.95 15.58 -8.18
C ARG A 652 -3.17 15.48 -9.69
N SER A 653 -3.53 16.59 -10.28
CA SER A 653 -3.81 16.59 -11.74
C SER A 653 -2.52 16.29 -12.52
N ASP A 654 -1.38 16.80 -12.05
CA ASP A 654 -0.11 16.43 -12.70
C ASP A 654 0.17 14.93 -12.61
N TYR A 655 -0.05 14.38 -11.43
CA TYR A 655 0.19 12.94 -11.25
C TYR A 655 -0.68 12.17 -12.26
N LEU A 656 -1.96 12.49 -12.38
CA LEU A 656 -2.81 11.64 -13.21
C LEU A 656 -2.31 11.70 -14.64
N ASN A 657 -1.81 12.90 -14.99
CA ASN A 657 -1.27 13.12 -16.31
C ASN A 657 -0.01 12.32 -16.58
N TRP A 658 0.95 12.32 -15.66
CA TRP A 658 2.18 11.57 -15.88
C TRP A 658 1.99 10.09 -15.68
N ALA A 659 1.04 9.72 -14.86
CA ALA A 659 0.80 8.29 -14.69
C ALA A 659 0.29 7.76 -16.03
N ALA A 660 -0.66 8.45 -16.67
CA ALA A 660 -1.15 8.06 -17.93
C ALA A 660 -0.10 8.16 -19.00
N GLN A 661 0.74 9.22 -18.95
CA GLN A 661 1.80 9.38 -19.97
C GLN A 661 2.79 8.20 -19.93
N SER A 662 3.16 7.79 -18.71
CA SER A 662 4.12 6.73 -18.59
C SER A 662 3.59 5.38 -19.12
N PHE A 663 2.31 5.11 -18.92
CA PHE A 663 1.67 3.93 -19.47
C PHE A 663 1.68 4.04 -21.01
N ARG A 664 1.34 5.23 -21.52
CA ARG A 664 1.29 5.45 -22.98
C ARG A 664 2.73 5.33 -23.62
N VAL A 665 3.74 5.79 -22.94
CA VAL A 665 5.16 5.61 -23.38
C VAL A 665 5.50 4.12 -23.48
N ALA A 666 5.01 3.32 -22.54
CA ALA A 666 5.26 1.88 -22.58
C ALA A 666 4.56 1.22 -23.78
N THR A 667 3.39 1.71 -24.14
CA THR A 667 2.48 0.99 -25.02
C THR A 667 2.22 1.57 -26.41
N SER A 668 2.82 2.70 -26.75
CA SER A 668 2.41 3.36 -27.95
C SER A 668 3.35 3.07 -29.10
N GLY A 669 4.31 2.20 -28.92
CA GLY A 669 5.20 1.90 -30.07
C GLY A 669 4.65 0.86 -31.03
N VAL A 670 3.48 0.28 -30.73
CA VAL A 670 3.03 -0.92 -31.40
C VAL A 670 2.20 -0.62 -32.66
N GLU A 671 2.07 -1.64 -33.49
CA GLU A 671 1.22 -1.53 -34.67
C GLU A 671 -0.28 -1.42 -34.32
N ASN A 672 -1.09 -0.87 -35.21
CA ASN A 672 -2.52 -0.75 -34.97
C ASN A 672 -3.24 -2.07 -34.67
N SER A 673 -2.76 -3.14 -35.28
CA SER A 673 -3.40 -4.43 -35.08
C SER A 673 -2.94 -5.15 -33.79
N THR A 674 -2.00 -4.56 -33.09
CA THR A 674 -1.60 -5.09 -31.82
C THR A 674 -2.59 -4.61 -30.74
N GLN A 675 -3.07 -5.52 -29.90
CA GLN A 675 -4.18 -5.22 -28.99
C GLN A 675 -3.64 -5.02 -27.58
N ILE A 676 -3.71 -3.79 -27.07
CA ILE A 676 -3.19 -3.47 -25.78
C ILE A 676 -4.32 -3.52 -24.75
N HIS A 677 -4.11 -4.30 -23.70
CA HIS A 677 -5.07 -4.42 -22.58
C HIS A 677 -4.50 -3.79 -21.38
N SER A 678 -5.32 -3.17 -20.56
CA SER A 678 -4.85 -2.72 -19.27
C SER A 678 -5.75 -3.27 -18.22
N HIS A 679 -5.15 -3.76 -17.15
CA HIS A 679 -5.93 -4.30 -16.05
C HIS A 679 -5.79 -3.47 -14.76
N PHE A 680 -6.93 -3.09 -14.19
CA PHE A 680 -7.02 -2.28 -12.98
C PHE A 680 -7.80 -3.06 -11.93
N CYS A 681 -7.39 -3.04 -10.68
CA CYS A 681 -8.20 -3.84 -9.74
C CYS A 681 -8.24 -3.34 -8.32
N LEU A 685 -11.32 3.69 -10.21
CA LEU A 685 -10.50 4.78 -10.72
C LEU A 685 -11.39 5.71 -11.56
N ASP A 686 -10.98 6.97 -11.61
CA ASP A 686 -11.57 8.00 -12.45
C ASP A 686 -11.66 7.54 -13.93
N PRO A 687 -12.87 7.44 -14.47
CA PRO A 687 -12.99 7.09 -15.88
C PRO A 687 -12.21 7.98 -16.85
N ASN A 688 -12.05 9.26 -16.55
CA ASN A 688 -11.26 10.17 -17.39
C ASN A 688 -9.82 9.68 -17.50
N HIS A 689 -9.32 9.11 -16.43
CA HIS A 689 -7.94 8.65 -16.41
C HIS A 689 -7.83 7.36 -17.22
N ILE A 690 -8.80 6.46 -17.02
CA ILE A 690 -8.83 5.21 -17.77
C ILE A 690 -8.82 5.57 -19.25
N LYS A 691 -9.70 6.47 -19.68
CA LYS A 691 -9.80 6.85 -21.10
C LYS A 691 -8.43 7.42 -21.53
N ALA A 692 -7.78 8.18 -20.67
CA ALA A 692 -6.50 8.79 -21.06
C ALA A 692 -5.44 7.72 -21.39
N LEU A 693 -5.56 6.52 -20.85
CA LEU A 693 -4.56 5.48 -21.18
C LEU A 693 -4.67 4.95 -22.63
N ASP A 694 -5.88 5.03 -23.19
CA ASP A 694 -6.25 4.66 -24.58
C ASP A 694 -5.93 3.20 -24.89
N ALA A 695 -6.04 2.33 -23.88
CA ALA A 695 -5.97 0.91 -24.08
C ALA A 695 -7.09 0.43 -24.98
N ASP A 696 -6.79 -0.55 -25.80
CA ASP A 696 -7.81 -1.17 -26.67
C ASP A 696 -8.90 -1.85 -25.88
N VAL A 697 -8.51 -2.54 -24.82
CA VAL A 697 -9.43 -3.33 -23.96
C VAL A 697 -9.02 -3.08 -22.53
N VAL A 698 -9.97 -2.85 -21.64
CA VAL A 698 -9.65 -2.77 -20.21
C VAL A 698 -10.39 -3.85 -19.38
N SER A 699 -9.76 -4.36 -18.35
CA SER A 699 -10.47 -5.14 -17.37
C SER A 699 -10.38 -4.37 -16.05
N ILE A 700 -11.47 -4.43 -15.29
CA ILE A 700 -11.53 -3.81 -13.97
C ILE A 700 -12.37 -4.65 -12.99
N GLU A 701 -11.86 -4.77 -11.74
CA GLU A 701 -12.61 -5.37 -10.61
C GLU A 701 -13.95 -4.66 -10.58
N PHE A 702 -15.05 -5.38 -10.75
CA PHE A 702 -16.36 -4.72 -10.84
C PHE A 702 -17.55 -5.48 -10.24
N SER A 703 -17.32 -6.65 -9.62
CA SER A 703 -18.45 -7.52 -9.21
C SER A 703 -19.09 -7.17 -7.85
N LYS A 704 -18.57 -6.14 -7.18
CA LYS A 704 -19.10 -5.69 -5.88
C LYS A 704 -19.49 -4.20 -5.89
N ASP A 706 -22.23 -2.17 -7.44
CA ASP A 706 -21.78 -0.77 -7.37
C ASP A 706 -22.67 0.15 -8.22
N ASP A 707 -22.24 1.41 -8.38
CA ASP A 707 -23.00 2.43 -9.11
C ASP A 707 -23.18 2.08 -10.58
N PRO A 708 -24.43 2.12 -11.09
CA PRO A 708 -24.68 1.92 -12.53
C PRO A 708 -24.36 3.16 -13.36
N ASN A 709 -24.00 4.25 -12.68
CA ASN A 709 -23.61 5.51 -13.33
C ASN A 709 -22.20 5.49 -13.96
N TYR A 710 -21.19 5.08 -13.20
CA TYR A 710 -19.80 5.03 -13.70
C TYR A 710 -19.75 4.27 -15.02
N ILE A 711 -20.41 3.10 -15.04
CA ILE A 711 -20.64 2.32 -16.26
C ILE A 711 -21.14 3.18 -17.44
N GLN A 712 -22.12 4.06 -17.16
CA GLN A 712 -22.69 4.94 -18.20
C GLN A 712 -21.73 6.04 -18.63
N GLU A 713 -20.74 6.35 -17.78
CA GLU A 713 -19.64 7.28 -18.11
C GLU A 713 -18.79 6.81 -19.29
N PHE A 714 -18.84 5.50 -19.60
CA PHE A 714 -18.16 4.97 -20.75
C PHE A 714 -19.22 4.48 -21.74
N SER A 715 -20.30 5.24 -21.88
CA SER A 715 -21.35 4.94 -22.86
C SER A 715 -20.84 5.11 -24.30
N GLU A 716 -20.31 6.31 -24.55
CA GLU A 716 -19.88 6.77 -25.87
C GLU A 716 -18.37 6.62 -26.12
N TYR A 717 -17.64 6.11 -25.12
CA TYR A 717 -16.20 5.83 -25.23
C TYR A 717 -16.00 4.60 -26.06
N PRO A 718 -15.31 4.71 -27.21
CA PRO A 718 -15.34 3.61 -28.13
C PRO A 718 -14.56 2.37 -27.68
N ASN A 719 -13.57 2.55 -26.81
CA ASN A 719 -12.70 1.44 -26.46
C ASN A 719 -13.43 0.40 -25.61
N HIS A 720 -12.96 -0.83 -25.65
CA HIS A 720 -13.74 -1.95 -25.12
C HIS A 720 -13.41 -2.20 -23.64
N ILE A 721 -14.39 -2.75 -22.91
CA ILE A 721 -14.32 -2.91 -21.44
C ILE A 721 -14.82 -4.31 -20.99
N GLY A 722 -14.10 -4.94 -20.06
CA GLY A 722 -14.53 -6.19 -19.46
C GLY A 722 -14.67 -5.97 -17.96
N LEU A 723 -15.90 -5.94 -17.47
CA LEU A 723 -16.10 -5.73 -16.02
C LEU A 723 -16.11 -7.09 -15.30
N GLY A 724 -15.20 -7.24 -14.33
CA GLY A 724 -14.99 -8.52 -13.65
C GLY A 724 -16.34 -9.13 -13.22
N LEU A 725 -16.60 -10.35 -13.67
CA LEU A 725 -17.87 -11.03 -13.40
C LEU A 725 -17.93 -11.92 -12.13
N PHE A 726 -16.79 -12.18 -11.50
CA PHE A 726 -16.77 -12.84 -10.19
C PHE A 726 -15.56 -12.55 -9.34
N ASP A 727 -15.75 -12.66 -8.01
CA ASP A 727 -14.77 -12.32 -6.99
C ASP A 727 -13.77 -13.45 -6.89
N ILE A 728 -12.54 -13.15 -7.29
CA ILE A 728 -11.47 -14.13 -7.24
C ILE A 728 -10.88 -14.31 -5.84
N HIS A 729 -11.14 -13.35 -4.94
CA HIS A 729 -10.68 -13.46 -3.54
C HIS A 729 -11.73 -14.19 -2.65
N SER A 730 -12.77 -14.77 -3.26
CA SER A 730 -13.70 -15.72 -2.61
C SER A 730 -13.72 -17.00 -3.47
N PRO A 731 -14.46 -18.05 -3.04
CA PRO A 731 -14.47 -19.21 -3.94
C PRO A 731 -15.85 -19.84 -4.27
N ARG A 732 -16.96 -19.14 -3.99
CA ARG A 732 -18.32 -19.71 -4.18
C ARG A 732 -18.79 -19.80 -5.65
N ILE A 733 -18.29 -20.81 -6.39
CA ILE A 733 -18.50 -20.99 -7.85
C ILE A 733 -19.90 -20.62 -8.44
N PRO A 734 -20.01 -19.46 -9.14
CA PRO A 734 -21.33 -19.03 -9.71
C PRO A 734 -21.81 -19.93 -10.80
N SER A 735 -23.11 -20.10 -10.86
CA SER A 735 -23.72 -20.92 -11.90
C SER A 735 -23.59 -20.24 -13.25
N LYS A 736 -23.81 -21.00 -14.33
CA LYS A 736 -24.08 -20.42 -15.64
C LYS A 736 -25.13 -19.30 -15.50
N GLN A 737 -26.32 -19.61 -14.99
CA GLN A 737 -27.38 -18.59 -14.87
C GLN A 737 -26.97 -17.37 -14.02
N GLU A 738 -26.09 -17.59 -13.02
CA GLU A 738 -25.54 -16.49 -12.19
C GLU A 738 -24.77 -15.47 -13.06
N PHE A 739 -23.98 -15.98 -14.00
CA PHE A 739 -23.25 -15.10 -14.94
C PHE A 739 -24.18 -14.36 -15.89
N VAL A 740 -25.25 -15.04 -16.33
CA VAL A 740 -26.12 -14.51 -17.39
C VAL A 740 -26.78 -13.24 -16.93
N SER A 741 -27.19 -13.27 -15.67
CA SER A 741 -27.91 -12.18 -15.04
C SER A 741 -26.96 -11.03 -14.75
N ARG A 742 -25.73 -11.33 -14.29
CA ARG A 742 -24.74 -10.27 -14.03
C ARG A 742 -24.48 -9.53 -15.35
N ILE A 743 -24.29 -10.29 -16.43
CA ILE A 743 -24.17 -9.69 -17.78
C ILE A 743 -25.43 -8.94 -18.25
N GLU A 744 -26.62 -9.52 -18.08
CA GLU A 744 -27.86 -8.83 -18.55
C GLU A 744 -27.94 -7.44 -17.89
N GLU A 745 -27.53 -7.37 -16.62
CA GLU A 745 -27.57 -6.11 -15.85
C GLU A 745 -26.61 -5.04 -16.42
N ILE A 746 -25.38 -5.46 -16.82
CA ILE A 746 -24.42 -4.53 -17.45
C ILE A 746 -24.95 -4.08 -18.81
N LEU A 747 -25.55 -4.98 -19.58
CA LEU A 747 -26.05 -4.66 -20.92
C LEU A 747 -27.15 -3.60 -20.95
N LYS A 748 -27.92 -3.49 -19.86
CA LYS A 748 -28.96 -2.46 -19.74
C LYS A 748 -28.33 -1.06 -19.86
N VAL A 749 -27.09 -0.94 -19.39
CA VAL A 749 -26.35 0.32 -19.38
C VAL A 749 -25.17 0.38 -20.36
N TYR A 750 -24.90 -0.68 -21.13
CA TYR A 750 -23.62 -0.75 -21.89
C TYR A 750 -23.73 -1.58 -23.15
N PRO A 751 -23.27 -1.02 -24.30
CA PRO A 751 -23.46 -1.73 -25.57
C PRO A 751 -22.73 -3.11 -25.71
N ALA A 752 -23.38 -4.02 -26.40
CA ALA A 752 -22.90 -5.40 -26.50
C ALA A 752 -21.62 -5.53 -27.29
N SER A 753 -21.47 -4.69 -28.31
CA SER A 753 -20.25 -4.60 -29.15
C SER A 753 -18.96 -4.29 -28.40
N LYS A 754 -19.05 -3.79 -27.16
CA LYS A 754 -17.85 -3.37 -26.44
C LYS A 754 -17.53 -4.29 -25.28
N PHE A 755 -18.36 -5.30 -25.05
CA PHE A 755 -18.25 -5.99 -23.76
C PHE A 755 -17.38 -7.24 -23.78
N TRP A 756 -16.37 -7.28 -22.92
CA TRP A 756 -15.57 -8.47 -22.76
C TRP A 756 -15.98 -9.16 -21.47
N VAL A 757 -15.77 -10.47 -21.43
CA VAL A 757 -16.17 -11.24 -20.27
C VAL A 757 -14.95 -11.89 -19.60
N ASN A 758 -14.74 -11.54 -18.35
CA ASN A 758 -13.57 -12.05 -17.62
C ASN A 758 -13.77 -12.08 -16.12
N PRO A 759 -12.84 -12.72 -15.39
CA PRO A 759 -12.94 -12.62 -13.93
C PRO A 759 -12.47 -11.27 -13.39
N ASP A 760 -12.60 -11.03 -12.08
CA ASP A 760 -12.05 -9.81 -11.46
C ASP A 760 -10.53 -9.61 -11.50
N CYS A 761 -9.76 -10.70 -11.32
CA CYS A 761 -8.30 -10.62 -11.29
C CYS A 761 -7.72 -11.99 -11.57
N GLY A 762 -6.42 -12.15 -11.33
CA GLY A 762 -5.71 -13.41 -11.55
C GLY A 762 -6.25 -14.51 -10.62
N LEU A 763 -5.91 -15.76 -10.93
CA LEU A 763 -6.49 -16.94 -10.26
C LEU A 763 -5.37 -17.70 -9.50
N LYS A 764 -4.24 -17.02 -9.24
CA LYS A 764 -3.05 -17.64 -8.61
C LYS A 764 -3.42 -18.29 -7.26
N THR A 765 -4.38 -17.68 -6.58
CA THR A 765 -4.70 -17.99 -5.18
C THR A 765 -5.84 -18.99 -5.06
N ARG A 766 -6.43 -19.38 -6.18
CA ARG A 766 -7.62 -20.17 -6.08
C ARG A 766 -7.23 -21.64 -6.39
N GLY A 767 -8.14 -22.58 -6.14
CA GLY A 767 -7.91 -23.99 -6.47
C GLY A 767 -8.58 -24.41 -7.77
N TRP A 768 -7.94 -25.35 -8.46
CA TRP A 768 -8.40 -25.83 -9.80
C TRP A 768 -9.87 -26.17 -10.02
N PRO A 769 -10.54 -26.84 -9.05
CA PRO A 769 -11.95 -27.17 -9.25
C PRO A 769 -12.87 -25.95 -9.31
N GLU A 770 -12.53 -24.94 -8.52
CA GLU A 770 -13.25 -23.67 -8.49
C GLU A 770 -13.03 -22.97 -9.84
N VAL A 771 -11.76 -22.86 -10.21
CA VAL A 771 -11.34 -22.24 -11.47
C VAL A 771 -12.11 -22.83 -12.64
N LYS A 772 -12.04 -24.16 -12.77
CA LYS A 772 -12.59 -24.92 -13.92
C LYS A 772 -14.12 -24.80 -14.16
N GLU A 773 -14.95 -25.07 -13.16
CA GLU A 773 -16.41 -24.91 -13.31
C GLU A 773 -16.85 -23.44 -13.38
N SER A 774 -16.26 -22.58 -12.56
CA SER A 774 -16.51 -21.13 -12.73
C SER A 774 -16.18 -20.68 -14.18
N LEU A 775 -14.95 -20.93 -14.65
CA LEU A 775 -14.61 -20.54 -16.03
C LEU A 775 -15.57 -21.19 -17.06
N THR A 776 -15.92 -22.46 -16.84
CA THR A 776 -16.74 -23.21 -17.80
C THR A 776 -18.13 -22.60 -17.88
N ASN A 777 -18.64 -22.26 -16.72
CA ASN A 777 -19.87 -21.48 -16.61
C ASN A 777 -19.82 -20.12 -17.33
N MET A 778 -18.74 -19.38 -17.09
CA MET A 778 -18.53 -18.04 -17.66
C MET A 778 -18.55 -18.09 -19.17
N VAL A 779 -17.84 -19.05 -19.77
CA VAL A 779 -17.85 -19.20 -21.22
C VAL A 779 -19.27 -19.58 -21.71
N GLU A 780 -19.90 -20.58 -21.07
CA GLU A 780 -21.20 -21.10 -21.51
C GLU A 780 -22.19 -19.94 -21.52
N ALA A 781 -22.07 -19.08 -20.50
CA ALA A 781 -22.88 -17.86 -20.42
C ALA A 781 -22.66 -16.93 -21.63
N ALA A 782 -21.39 -16.55 -21.91
CA ALA A 782 -21.12 -15.70 -23.09
C ALA A 782 -21.70 -16.25 -24.39
N LYS A 783 -21.54 -17.54 -24.62
CA LYS A 783 -22.04 -18.13 -25.86
C LYS A 783 -23.56 -17.97 -26.00
N GLU A 784 -24.27 -17.95 -24.88
CA GLU A 784 -25.72 -17.74 -24.96
C GLU A 784 -25.99 -16.34 -25.46
N PHE A 785 -25.19 -15.36 -25.03
CA PHE A 785 -25.35 -14.02 -25.57
C PHE A 785 -24.99 -13.91 -27.07
N ARG A 786 -24.04 -14.73 -27.54
CA ARG A 786 -23.71 -14.77 -28.97
C ARG A 786 -24.81 -15.32 -29.83
N ALA A 787 -25.52 -16.30 -29.30
CA ALA A 787 -26.72 -16.81 -29.97
C ALA A 787 -27.84 -15.73 -30.03
N LYS A 788 -28.10 -15.06 -28.92
CA LYS A 788 -29.14 -14.02 -28.88
C LYS A 788 -28.78 -12.82 -29.79
N TYR A 789 -27.49 -12.47 -29.84
CA TYR A 789 -27.03 -11.38 -30.69
C TYR A 789 -26.52 -11.94 -32.00
#